data_4QVT
#
_entry.id   4QVT
#
_cell.length_a   67.334
_cell.length_b   139.968
_cell.length_c   75.358
_cell.angle_alpha   90.00
_cell.angle_beta   112.11
_cell.angle_gamma   90.00
#
_symmetry.space_group_name_H-M   'P 1 21 1'
#
loop_
_entity.id
_entity.type
_entity.pdbx_description
1 polymer 'Acetyltransferase YpeA'
2 non-polymer 'ACETYL COENZYME *A'
3 non-polymer 'SULFATE ION'
4 water water
#
_entity_poly.entity_id   1
_entity_poly.type   'polypeptide(L)'
_entity_poly.pdbx_seq_one_letter_code
;MEIRVFRQEDFEEVITLWERCDLLRPWNDPEMDIERKMNHDVSLFLVAEVNGDVVGTVMGGYDGHRGSAYYLGVHPEFRG
RGIANALLNRLEKKLIARGCPKIQINVPEDNDMVLGMYERLGYEHADVLSLGKRLIEDEEYAGENLYFQSAGHHHHHH
;
_entity_poly.pdbx_strand_id   A,B,C,D,E,F,G,H
#
# COMPACT_ATOMS: atom_id res chain seq x y z
N MET A 1 -10.45 1.56 -31.96
CA MET A 1 -9.08 1.24 -31.45
C MET A 1 -8.91 1.88 -30.09
N GLU A 2 -8.68 1.05 -29.10
CA GLU A 2 -8.47 1.55 -27.76
C GLU A 2 -7.44 0.69 -27.09
N ILE A 3 -6.40 1.32 -26.52
CA ILE A 3 -5.36 0.59 -25.77
C ILE A 3 -5.70 0.75 -24.32
N ARG A 4 -5.58 -0.30 -23.54
CA ARG A 4 -5.92 -0.21 -22.12
C ARG A 4 -5.16 -1.30 -21.40
N VAL A 5 -5.35 -1.37 -20.10
CA VAL A 5 -4.65 -2.38 -19.32
C VAL A 5 -5.43 -3.66 -19.33
N PHE A 6 -4.69 -4.75 -19.32
CA PHE A 6 -5.24 -6.11 -19.19
C PHE A 6 -6.14 -6.26 -17.99
N ARG A 7 -7.27 -6.94 -18.20
CA ARG A 7 -8.28 -7.26 -17.18
C ARG A 7 -8.45 -8.78 -17.08
N GLN A 8 -8.82 -9.27 -15.89
CA GLN A 8 -8.98 -10.74 -15.73
C GLN A 8 -9.87 -11.33 -16.78
N GLU A 9 -10.93 -10.60 -17.12
CA GLU A 9 -11.87 -11.12 -18.13
C GLU A 9 -11.21 -11.39 -19.51
N ASP A 10 -10.05 -10.80 -19.76
CA ASP A 10 -9.32 -10.96 -21.01
C ASP A 10 -8.50 -12.24 -21.13
N PHE A 11 -8.28 -12.90 -19.99
CA PHE A 11 -7.45 -14.11 -19.87
C PHE A 11 -7.50 -15.09 -21.04
N GLU A 12 -8.65 -15.72 -21.27
CA GLU A 12 -8.64 -16.73 -22.35
C GLU A 12 -8.46 -16.12 -23.74
N GLU A 13 -9.01 -14.92 -23.93
N GLU A 13 -9.03 -14.93 -23.99
CA GLU A 13 -8.90 -14.24 -25.20
CA GLU A 13 -8.82 -14.30 -25.30
C GLU A 13 -7.44 -13.91 -25.54
C GLU A 13 -7.34 -14.07 -25.55
N VAL A 14 -6.65 -13.58 -24.53
CA VAL A 14 -5.25 -13.26 -24.72
C VAL A 14 -4.43 -14.52 -25.06
N ILE A 15 -4.65 -15.58 -24.30
CA ILE A 15 -3.95 -16.85 -24.58
C ILE A 15 -4.30 -17.29 -26.00
N THR A 16 -5.59 -17.27 -26.32
CA THR A 16 -5.99 -17.65 -27.69
C THR A 16 -5.26 -16.78 -28.72
N LEU A 17 -5.20 -15.49 -28.47
CA LEU A 17 -4.48 -14.60 -29.36
C LEU A 17 -3.01 -15.01 -29.48
N TRP A 18 -2.39 -15.31 -28.34
CA TRP A 18 -0.98 -15.69 -28.37
C TRP A 18 -0.75 -16.94 -29.18
N GLU A 19 -1.70 -17.87 -29.12
CA GLU A 19 -1.59 -19.07 -29.90
C GLU A 19 -1.61 -18.69 -31.36
N ARG A 20 -2.54 -17.81 -31.70
CA ARG A 20 -2.69 -17.37 -33.09
C ARG A 20 -1.48 -16.60 -33.61
N CYS A 21 -0.72 -16.01 -32.70
CA CYS A 21 0.47 -15.25 -33.08
C CYS A 21 1.74 -16.07 -32.98
N ASP A 22 1.63 -17.34 -32.59
CA ASP A 22 2.74 -18.27 -32.43
C ASP A 22 3.78 -17.76 -31.42
N LEU A 23 3.26 -17.23 -30.32
CA LEU A 23 4.10 -16.65 -29.27
C LEU A 23 4.29 -17.64 -28.16
N LEU A 24 3.47 -18.68 -28.14
CA LEU A 24 3.60 -19.63 -27.02
C LEU A 24 4.84 -20.43 -27.15
N ARG A 25 5.44 -20.77 -26.01
CA ARG A 25 6.66 -21.57 -26.00
C ARG A 25 6.50 -22.64 -24.91
N PRO A 26 7.01 -23.83 -25.18
CA PRO A 26 6.80 -24.84 -24.17
C PRO A 26 7.34 -24.56 -22.79
N TRP A 27 8.46 -23.84 -22.70
CA TRP A 27 9.07 -23.55 -21.41
C TRP A 27 8.37 -22.41 -20.66
N ASN A 28 7.44 -21.72 -21.31
CA ASN A 28 6.67 -20.66 -20.68
C ASN A 28 5.15 -20.98 -20.58
N ASP A 29 4.68 -21.26 -19.38
CA ASP A 29 3.24 -21.53 -19.25
C ASP A 29 2.52 -20.17 -19.36
N PRO A 30 1.71 -19.96 -20.43
CA PRO A 30 1.07 -18.65 -20.62
C PRO A 30 0.19 -18.25 -19.48
N GLU A 31 -0.49 -19.22 -18.89
CA GLU A 31 -1.34 -18.93 -17.76
C GLU A 31 -0.44 -18.44 -16.60
N MET A 32 0.68 -19.11 -16.45
CA MET A 32 1.57 -18.74 -15.35
C MET A 32 2.12 -17.33 -15.59
N ASP A 33 2.48 -17.04 -16.84
CA ASP A 33 3.01 -15.74 -17.18
C ASP A 33 2.01 -14.65 -16.90
N ILE A 34 0.74 -14.85 -17.27
CA ILE A 34 -0.26 -13.86 -16.94
C ILE A 34 -0.44 -13.66 -15.43
N GLU A 35 -0.48 -14.78 -14.66
CA GLU A 35 -0.64 -14.67 -13.19
C GLU A 35 0.53 -13.93 -12.51
N ARG A 36 1.72 -14.16 -13.04
CA ARG A 36 2.92 -13.47 -12.52
C ARG A 36 2.82 -11.98 -12.69
N LYS A 37 2.31 -11.56 -13.86
CA LYS A 37 2.19 -10.15 -14.17
C LYS A 37 1.09 -9.48 -13.27
N MET A 38 -0.03 -10.18 -13.11
CA MET A 38 -1.15 -9.78 -12.25
C MET A 38 -0.72 -9.63 -10.83
N ASN A 39 0.10 -10.57 -10.35
CA ASN A 39 0.51 -10.46 -9.01
C ASN A 39 1.59 -9.37 -8.83
N HIS A 40 2.45 -9.17 -9.80
CA HIS A 40 3.53 -8.23 -9.67
C HIS A 40 3.12 -6.79 -9.90
N ASP A 41 2.43 -6.55 -11.01
CA ASP A 41 1.97 -5.23 -11.39
C ASP A 41 1.43 -5.28 -12.78
N VAL A 42 0.14 -5.25 -12.89
CA VAL A 42 -0.52 -5.38 -14.16
C VAL A 42 -0.49 -4.14 -15.05
N SER A 43 -0.15 -2.99 -14.47
CA SER A 43 -0.26 -1.71 -15.18
C SER A 43 0.42 -1.51 -16.56
N LEU A 44 1.53 -2.22 -16.83
CA LEU A 44 2.22 -2.12 -18.13
C LEU A 44 1.85 -3.29 -19.10
N PHE A 45 0.89 -4.11 -18.70
CA PHE A 45 0.38 -5.23 -19.52
C PHE A 45 -0.82 -4.66 -20.21
N LEU A 46 -0.60 -4.35 -21.49
CA LEU A 46 -1.56 -3.65 -22.28
C LEU A 46 -2.22 -4.50 -23.35
N VAL A 47 -3.47 -4.17 -23.62
CA VAL A 47 -4.18 -4.81 -24.70
C VAL A 47 -4.77 -3.74 -25.60
N ALA A 48 -4.98 -4.11 -26.85
CA ALA A 48 -5.54 -3.22 -27.87
C ALA A 48 -6.86 -3.81 -28.20
N GLU A 49 -7.94 -3.05 -28.10
CA GLU A 49 -9.22 -3.65 -28.47
C GLU A 49 -9.86 -2.92 -29.64
N VAL A 50 -10.43 -3.72 -30.53
CA VAL A 50 -11.11 -3.20 -31.69
C VAL A 50 -12.46 -3.89 -31.77
N ASN A 51 -13.51 -3.09 -31.92
CA ASN A 51 -14.88 -3.57 -32.02
C ASN A 51 -15.23 -4.52 -30.88
N GLY A 52 -14.72 -4.23 -29.69
CA GLY A 52 -15.00 -5.05 -28.51
C GLY A 52 -14.12 -6.25 -28.27
N ASP A 53 -13.28 -6.62 -29.24
CA ASP A 53 -12.38 -7.77 -29.04
C ASP A 53 -10.93 -7.33 -28.85
N VAL A 54 -10.20 -8.13 -28.08
CA VAL A 54 -8.78 -7.90 -27.90
C VAL A 54 -8.10 -8.38 -29.17
N VAL A 55 -7.33 -7.52 -29.82
CA VAL A 55 -6.67 -7.93 -31.04
C VAL A 55 -5.18 -7.68 -31.00
N GLY A 56 -4.68 -7.24 -29.86
CA GLY A 56 -3.25 -7.04 -29.73
C GLY A 56 -2.89 -6.96 -28.26
N THR A 57 -1.63 -7.26 -27.96
CA THR A 57 -1.14 -7.17 -26.59
C THR A 57 0.31 -6.83 -26.57
N VAL A 58 0.74 -6.30 -25.44
CA VAL A 58 2.19 -6.19 -25.18
C VAL A 58 2.33 -6.30 -23.66
N MET A 59 3.22 -7.19 -23.21
CA MET A 59 3.45 -7.39 -21.78
C MET A 59 4.61 -6.53 -21.46
N GLY A 60 4.31 -5.30 -21.06
CA GLY A 60 5.35 -4.41 -20.72
C GLY A 60 5.77 -4.59 -19.29
N GLY A 61 6.93 -4.03 -18.95
CA GLY A 61 7.45 -4.10 -17.59
C GLY A 61 8.54 -3.09 -17.24
N TYR A 62 8.75 -2.93 -15.96
CA TYR A 62 9.80 -2.08 -15.53
C TYR A 62 10.32 -2.63 -14.22
N ASP A 63 11.64 -2.72 -14.15
CA ASP A 63 12.33 -3.23 -12.96
C ASP A 63 13.03 -2.15 -12.09
N GLY A 64 12.87 -0.87 -12.42
CA GLY A 64 13.49 0.15 -11.60
C GLY A 64 14.75 0.63 -12.24
N HIS A 65 15.17 -0.02 -13.33
CA HIS A 65 16.33 0.47 -14.04
C HIS A 65 16.11 0.48 -15.54
N ARG A 66 15.49 -0.57 -16.04
CA ARG A 66 15.20 -0.68 -17.45
C ARG A 66 13.78 -1.19 -17.68
N GLY A 67 13.18 -0.75 -18.78
CA GLY A 67 11.83 -1.22 -19.18
C GLY A 67 12.00 -2.46 -20.08
N SER A 68 10.95 -3.22 -20.24
CA SER A 68 10.99 -4.44 -21.06
C SER A 68 9.66 -4.66 -21.78
N ALA A 69 9.64 -5.55 -22.79
CA ALA A 69 8.44 -5.86 -23.50
C ALA A 69 8.45 -7.33 -24.01
N TYR A 70 7.40 -8.06 -23.71
CA TYR A 70 7.25 -9.47 -24.12
C TYR A 70 5.88 -9.65 -24.67
N TYR A 71 5.65 -10.79 -25.32
CA TYR A 71 4.35 -11.05 -25.80
C TYR A 71 3.72 -9.95 -26.66
N LEU A 72 4.53 -9.41 -27.56
CA LEU A 72 4.00 -8.41 -28.50
C LEU A 72 3.30 -9.17 -29.60
N GLY A 73 1.98 -9.07 -29.66
CA GLY A 73 1.23 -9.79 -30.70
C GLY A 73 0.04 -9.02 -31.25
N VAL A 74 -0.23 -9.19 -32.54
CA VAL A 74 -1.40 -8.56 -33.23
C VAL A 74 -2.05 -9.65 -34.07
N HIS A 75 -3.34 -9.85 -33.87
CA HIS A 75 -4.08 -10.86 -34.60
C HIS A 75 -3.76 -10.74 -36.09
N PRO A 76 -3.57 -11.90 -36.77
CA PRO A 76 -3.24 -11.84 -38.19
C PRO A 76 -4.13 -10.94 -39.08
N GLU A 77 -5.44 -10.92 -38.84
CA GLU A 77 -6.35 -10.11 -39.68
C GLU A 77 -6.28 -8.61 -39.34
N PHE A 78 -5.56 -8.24 -38.27
CA PHE A 78 -5.48 -6.82 -37.90
C PHE A 78 -4.12 -6.22 -38.06
N ARG A 79 -3.29 -6.85 -38.89
CA ARG A 79 -1.92 -6.38 -39.09
C ARG A 79 -1.79 -5.33 -40.17
N GLY A 80 -0.70 -4.57 -40.08
CA GLY A 80 -0.45 -3.50 -41.05
C GLY A 80 -1.36 -2.31 -40.79
N ARG A 81 -1.88 -2.21 -39.57
CA ARG A 81 -2.76 -1.12 -39.19
C ARG A 81 -2.11 -0.15 -38.19
N GLY A 82 -0.92 -0.49 -37.71
CA GLY A 82 -0.23 0.38 -36.73
C GLY A 82 -0.53 0.01 -35.31
N ILE A 83 -1.14 -1.14 -35.11
CA ILE A 83 -1.54 -1.57 -33.80
C ILE A 83 -0.33 -1.87 -32.96
N ALA A 84 0.61 -2.61 -33.51
CA ALA A 84 1.84 -2.91 -32.77
C ALA A 84 2.54 -1.60 -32.40
N ASN A 85 2.65 -0.71 -33.37
CA ASN A 85 3.27 0.60 -33.15
C ASN A 85 2.59 1.39 -31.99
N ALA A 86 1.26 1.42 -31.98
CA ALA A 86 0.47 2.12 -30.96
C ALA A 86 0.68 1.48 -29.58
N LEU A 87 0.76 0.15 -29.55
CA LEU A 87 1.01 -0.57 -28.28
C LEU A 87 2.38 -0.22 -27.77
N LEU A 88 3.39 -0.28 -28.61
CA LEU A 88 4.71 0.07 -28.11
C LEU A 88 4.78 1.56 -27.69
N ASN A 89 4.18 2.46 -28.46
CA ASN A 89 4.21 3.86 -28.14
C ASN A 89 3.57 4.16 -26.80
N ARG A 90 2.42 3.59 -26.54
CA ARG A 90 1.74 3.79 -25.29
C ARG A 90 2.57 3.25 -24.13
N LEU A 91 3.23 2.11 -24.35
CA LEU A 91 4.06 1.47 -23.32
C LEU A 91 5.22 2.37 -23.03
N GLU A 92 5.84 2.91 -24.07
CA GLU A 92 6.92 3.87 -23.87
C GLU A 92 6.50 5.09 -23.03
N LYS A 93 5.27 5.59 -23.25
CA LYS A 93 4.75 6.77 -22.53
C LYS A 93 4.53 6.43 -21.10
N LYS A 94 3.94 5.27 -20.86
CA LYS A 94 3.70 4.81 -19.48
C LYS A 94 5.03 4.62 -18.77
N LEU A 95 6.05 4.11 -19.47
CA LEU A 95 7.38 3.93 -18.88
C LEU A 95 7.95 5.28 -18.48
N ILE A 96 7.92 6.22 -19.42
CA ILE A 96 8.43 7.54 -19.16
C ILE A 96 7.67 8.24 -18.04
N ALA A 97 6.36 8.06 -18.00
CA ALA A 97 5.56 8.69 -16.95
C ALA A 97 6.03 8.28 -15.56
N ARG A 98 6.57 7.07 -15.40
CA ARG A 98 7.05 6.65 -14.09
C ARG A 98 8.56 6.74 -13.92
N GLY A 99 9.24 7.36 -14.87
CA GLY A 99 10.68 7.60 -14.75
C GLY A 99 11.61 6.61 -15.38
N CYS A 100 11.05 5.65 -16.09
CA CYS A 100 11.90 4.65 -16.75
C CYS A 100 12.76 5.32 -17.81
N PRO A 101 14.09 5.13 -17.70
CA PRO A 101 14.95 5.82 -18.63
C PRO A 101 15.21 5.15 -19.97
N LYS A 102 14.96 3.87 -20.06
CA LYS A 102 15.30 3.15 -21.26
C LYS A 102 14.57 1.80 -21.28
N ILE A 103 14.24 1.38 -22.50
CA ILE A 103 13.57 0.12 -22.77
C ILE A 103 14.49 -0.70 -23.62
N GLN A 104 14.45 -2.01 -23.34
CA GLN A 104 15.27 -3.07 -23.96
C GLN A 104 14.38 -4.20 -24.37
N ILE A 105 14.75 -4.82 -25.48
CA ILE A 105 13.99 -5.87 -26.03
C ILE A 105 14.95 -6.81 -26.75
N ASN A 106 14.77 -8.09 -26.51
CA ASN A 106 15.61 -9.11 -27.18
C ASN A 106 14.81 -9.71 -28.27
N VAL A 107 15.42 -9.84 -29.44
CA VAL A 107 14.70 -10.41 -30.58
C VAL A 107 15.38 -11.67 -31.10
N PRO A 108 14.60 -12.71 -31.45
CA PRO A 108 15.25 -13.91 -32.01
C PRO A 108 16.20 -13.51 -33.13
N GLU A 109 17.38 -14.13 -33.17
CA GLU A 109 18.43 -13.80 -34.12
C GLU A 109 18.03 -13.80 -35.57
N ASP A 110 17.21 -14.77 -35.95
CA ASP A 110 16.85 -14.90 -37.36
C ASP A 110 15.47 -14.35 -37.75
N ASN A 111 14.81 -13.64 -36.83
CA ASN A 111 13.52 -13.07 -37.20
C ASN A 111 13.74 -11.68 -37.84
N ASP A 112 14.06 -11.69 -39.12
CA ASP A 112 14.33 -10.47 -39.88
C ASP A 112 13.24 -9.43 -39.84
N MET A 113 11.99 -9.87 -39.90
CA MET A 113 10.84 -8.97 -39.90
C MET A 113 10.79 -8.17 -38.61
N VAL A 114 10.79 -8.88 -37.49
CA VAL A 114 10.69 -8.24 -36.17
C VAL A 114 11.86 -7.29 -35.88
N LEU A 115 13.04 -7.72 -36.26
CA LEU A 115 14.23 -6.94 -36.07
C LEU A 115 14.03 -5.62 -36.82
N GLY A 116 13.58 -5.74 -38.05
CA GLY A 116 13.30 -4.57 -38.90
C GLY A 116 12.21 -3.68 -38.29
N MET A 117 11.18 -4.28 -37.72
CA MET A 117 10.15 -3.47 -37.10
C MET A 117 10.79 -2.58 -36.02
N TYR A 118 11.54 -3.18 -35.10
CA TYR A 118 12.12 -2.38 -34.03
C TYR A 118 13.08 -1.32 -34.47
N GLU A 119 13.89 -1.62 -35.47
CA GLU A 119 14.82 -0.61 -35.96
C GLU A 119 14.05 0.59 -36.51
N ARG A 120 12.93 0.27 -37.15
CA ARG A 120 12.10 1.26 -37.81
C ARG A 120 11.39 2.10 -36.77
N LEU A 121 11.20 1.55 -35.59
CA LEU A 121 10.56 2.27 -34.51
C LEU A 121 11.61 3.02 -33.72
N GLY A 122 12.87 3.00 -34.17
CA GLY A 122 13.92 3.75 -33.45
C GLY A 122 14.72 3.01 -32.37
N TYR A 123 14.70 1.69 -32.41
CA TYR A 123 15.49 0.93 -31.45
C TYR A 123 16.85 0.58 -32.07
N GLU A 124 17.91 0.76 -31.30
CA GLU A 124 19.24 0.46 -31.83
C GLU A 124 19.85 -0.78 -31.22
N HIS A 125 20.71 -1.42 -32.00
CA HIS A 125 21.40 -2.64 -31.53
C HIS A 125 22.41 -2.40 -30.41
N ALA A 126 22.41 -3.28 -29.42
CA ALA A 126 23.36 -3.24 -28.32
C ALA A 126 24.40 -4.32 -28.59
N ASP A 127 25.67 -4.01 -28.43
CA ASP A 127 26.77 -4.96 -28.68
C ASP A 127 27.01 -5.75 -27.42
N VAL A 128 26.11 -6.66 -27.14
CA VAL A 128 26.14 -7.36 -25.91
C VAL A 128 25.65 -8.79 -26.13
N LEU A 129 25.90 -9.68 -25.17
CA LEU A 129 25.42 -11.07 -25.21
C LEU A 129 24.40 -11.28 -24.11
N SER A 130 23.23 -11.80 -24.47
CA SER A 130 22.18 -12.08 -23.50
C SER A 130 22.37 -13.50 -22.91
N LEU A 131 22.44 -13.54 -21.59
CA LEU A 131 22.64 -14.79 -20.86
C LEU A 131 21.45 -14.95 -19.97
N GLY A 132 20.98 -16.19 -19.86
CA GLY A 132 19.83 -16.43 -19.02
C GLY A 132 19.97 -17.70 -18.24
N LYS A 133 19.18 -17.77 -17.16
CA LYS A 133 19.16 -18.93 -16.30
C LYS A 133 17.77 -19.08 -15.77
N ARG A 134 17.21 -20.27 -15.96
CA ARG A 134 15.85 -20.61 -15.52
C ARG A 134 15.90 -20.83 -14.04
N LEU A 135 14.93 -20.26 -13.32
CA LEU A 135 14.94 -20.35 -11.89
C LEU A 135 13.80 -21.15 -11.41
N ILE A 136 12.65 -21.07 -12.09
CA ILE A 136 11.50 -21.88 -11.71
C ILE A 136 10.98 -22.49 -13.00
N GLU A 137 10.95 -23.80 -13.14
CA GLU A 137 10.45 -24.40 -14.41
C GLU A 137 8.89 -24.52 -14.41
N ASP A 138 8.31 -24.26 -15.58
CA ASP A 138 6.86 -24.37 -15.80
C ASP A 138 6.57 -25.75 -16.42
N GLU A 139 5.53 -26.44 -15.97
CA GLU A 139 5.16 -27.75 -16.50
C GLU A 139 3.86 -27.67 -17.28
N MET B 1 30.93 -11.93 6.48
CA MET B 1 30.49 -11.33 5.20
C MET B 1 29.01 -11.41 5.26
N GLU B 2 28.36 -10.33 4.89
CA GLU B 2 26.93 -10.29 5.06
C GLU B 2 26.30 -9.56 3.88
N ILE B 3 25.30 -10.19 3.31
CA ILE B 3 24.58 -9.62 2.17
C ILE B 3 23.26 -9.07 2.70
N ARG B 4 22.99 -7.79 2.38
CA ARG B 4 21.74 -7.12 2.78
C ARG B 4 21.24 -6.11 1.70
N VAL B 5 20.03 -5.58 1.89
CA VAL B 5 19.50 -4.60 0.96
C VAL B 5 20.19 -3.24 1.15
N PHE B 6 20.33 -2.52 0.04
CA PHE B 6 20.90 -1.18 0.04
C PHE B 6 20.09 -0.26 0.94
N ARG B 7 20.80 0.61 1.65
CA ARG B 7 20.19 1.61 2.52
C ARG B 7 20.62 3.01 2.04
N GLN B 8 19.86 4.06 2.36
CA GLN B 8 20.20 5.42 1.89
C GLN B 8 21.63 5.80 2.33
N GLU B 9 22.03 5.44 3.57
CA GLU B 9 23.41 5.75 4.03
C GLU B 9 24.57 5.14 3.19
N ASP B 10 24.29 4.12 2.38
CA ASP B 10 25.28 3.49 1.52
C ASP B 10 25.49 4.27 0.23
N PHE B 11 24.64 5.27 -0.02
CA PHE B 11 24.64 6.04 -1.28
C PHE B 11 26.02 6.40 -1.83
N GLU B 12 26.79 7.20 -1.09
CA GLU B 12 28.10 7.61 -1.59
C GLU B 12 29.13 6.47 -1.73
N GLU B 13 29.21 5.59 -0.74
CA GLU B 13 30.13 4.44 -0.78
C GLU B 13 29.84 3.57 -2.00
N VAL B 14 28.58 3.41 -2.33
CA VAL B 14 28.24 2.59 -3.48
C VAL B 14 28.74 3.24 -4.75
N ILE B 15 28.51 4.54 -4.91
CA ILE B 15 28.97 5.20 -6.13
C ILE B 15 30.48 5.13 -6.25
N THR B 16 31.18 5.41 -5.15
CA THR B 16 32.64 5.34 -5.14
C THR B 16 33.07 3.92 -5.56
N LEU B 17 32.36 2.91 -5.08
CA LEU B 17 32.68 1.50 -5.41
C LEU B 17 32.46 1.29 -6.88
N TRP B 18 31.40 1.87 -7.42
CA TRP B 18 31.19 1.74 -8.85
C TRP B 18 32.31 2.38 -9.65
N GLU B 19 32.81 3.52 -9.18
CA GLU B 19 33.90 4.22 -9.84
C GLU B 19 35.11 3.32 -9.87
N ARG B 20 35.42 2.73 -8.71
CA ARG B 20 36.56 1.82 -8.59
C ARG B 20 36.37 0.51 -9.37
N CYS B 21 35.14 0.11 -9.65
CA CYS B 21 34.89 -1.11 -10.43
C CYS B 21 34.68 -0.80 -11.91
N ASP B 22 34.80 0.48 -12.27
CA ASP B 22 34.69 0.93 -13.66
C ASP B 22 33.31 0.63 -14.27
N LEU B 23 32.29 0.71 -13.42
CA LEU B 23 30.93 0.45 -13.81
C LEU B 23 30.19 1.66 -14.30
N LEU B 24 30.75 2.87 -14.09
CA LEU B 24 30.08 4.08 -14.53
C LEU B 24 30.17 4.31 -16.02
N ARG B 25 29.09 4.84 -16.58
CA ARG B 25 29.01 5.18 -18.00
C ARG B 25 28.40 6.56 -18.07
N PRO B 26 28.93 7.41 -18.93
CA PRO B 26 28.47 8.79 -19.12
C PRO B 26 26.97 8.95 -19.31
N TRP B 27 26.35 7.99 -20.02
CA TRP B 27 24.90 8.03 -20.31
C TRP B 27 24.02 7.54 -19.17
N ASN B 28 24.62 6.95 -18.13
CA ASN B 28 23.84 6.50 -16.99
C ASN B 28 24.28 7.32 -15.77
N ASP B 29 23.47 8.28 -15.32
CA ASP B 29 23.88 9.02 -14.13
C ASP B 29 23.76 8.07 -12.93
N PRO B 30 24.88 7.76 -12.25
CA PRO B 30 24.72 6.81 -11.14
C PRO B 30 23.82 7.33 -10.01
N GLU B 31 23.82 8.64 -9.72
CA GLU B 31 22.91 9.14 -8.67
C GLU B 31 21.43 8.86 -9.09
N MET B 32 21.15 9.14 -10.37
CA MET B 32 19.84 8.91 -10.92
C MET B 32 19.48 7.45 -10.88
N ASP B 33 20.40 6.56 -11.27
CA ASP B 33 20.07 5.10 -11.24
C ASP B 33 19.77 4.61 -9.83
N ILE B 34 20.47 5.15 -8.84
CA ILE B 34 20.15 4.75 -7.46
C ILE B 34 18.80 5.32 -7.04
N GLU B 35 18.51 6.56 -7.42
CA GLU B 35 17.25 7.18 -7.02
C GLU B 35 16.09 6.45 -7.67
N ARG B 36 16.29 5.94 -8.90
CA ARG B 36 15.23 5.20 -9.59
C ARG B 36 14.92 3.92 -8.84
N LYS B 37 15.95 3.23 -8.42
CA LYS B 37 15.74 1.98 -7.68
C LYS B 37 15.05 2.25 -6.32
N MET B 38 15.49 3.29 -5.65
CA MET B 38 14.88 3.66 -4.34
C MET B 38 13.41 3.93 -4.49
N ASN B 39 13.04 4.58 -5.58
CA ASN B 39 11.65 4.90 -5.75
C ASN B 39 10.85 3.74 -6.24
N HIS B 40 11.43 2.91 -7.08
CA HIS B 40 10.72 1.77 -7.63
C HIS B 40 10.57 0.65 -6.64
N ASP B 41 11.67 0.15 -6.12
CA ASP B 41 11.66 -0.95 -5.17
C ASP B 41 13.08 -1.31 -4.88
N VAL B 42 13.50 -1.09 -3.65
CA VAL B 42 14.89 -1.21 -3.30
C VAL B 42 15.30 -2.64 -3.00
N SER B 43 14.34 -3.50 -2.80
CA SER B 43 14.55 -4.81 -2.24
C SER B 43 15.47 -5.77 -2.97
N LEU B 44 15.73 -5.57 -4.26
CA LEU B 44 16.59 -6.48 -4.98
C LEU B 44 17.95 -5.86 -5.25
N PHE B 45 18.15 -4.67 -4.66
CA PHE B 45 19.38 -3.91 -4.81
C PHE B 45 20.16 -4.27 -3.55
N LEU B 46 21.16 -5.12 -3.74
CA LEU B 46 21.92 -5.68 -2.63
C LEU B 46 23.34 -5.17 -2.54
N VAL B 47 23.87 -5.19 -1.32
CA VAL B 47 25.25 -4.81 -1.07
C VAL B 47 25.85 -5.94 -0.23
N ALA B 48 27.18 -6.07 -0.28
CA ALA B 48 27.88 -7.09 0.48
C ALA B 48 28.75 -6.30 1.40
N GLU B 49 28.67 -6.63 2.68
CA GLU B 49 29.44 -5.92 3.73
C GLU B 49 30.41 -6.91 4.38
N VAL B 50 31.66 -6.46 4.55
CA VAL B 50 32.71 -7.22 5.20
C VAL B 50 33.31 -6.30 6.27
N ASN B 51 33.21 -6.72 7.52
CA ASN B 51 33.73 -5.92 8.62
C ASN B 51 33.23 -4.48 8.58
N GLY B 52 31.92 -4.36 8.34
CA GLY B 52 31.24 -3.06 8.30
C GLY B 52 31.31 -2.23 7.03
N ASP B 53 32.19 -2.57 6.10
CA ASP B 53 32.30 -1.79 4.86
C ASP B 53 31.60 -2.42 3.64
N VAL B 54 31.05 -1.58 2.77
CA VAL B 54 30.43 -2.09 1.55
C VAL B 54 31.51 -2.37 0.50
N VAL B 55 31.66 -3.63 0.13
CA VAL B 55 32.69 -4.01 -0.80
C VAL B 55 32.15 -4.65 -2.06
N GLY B 56 30.83 -4.80 -2.15
CA GLY B 56 30.26 -5.40 -3.34
C GLY B 56 28.80 -5.03 -3.44
N THR B 57 28.28 -5.05 -4.67
CA THR B 57 26.88 -4.79 -4.92
C THR B 57 26.36 -5.48 -6.15
N VAL B 58 25.04 -5.61 -6.20
CA VAL B 58 24.39 -6.02 -7.43
C VAL B 58 23.02 -5.35 -7.44
N MET B 59 22.69 -4.64 -8.51
CA MET B 59 21.38 -4.03 -8.61
C MET B 59 20.49 -5.01 -9.32
N GLY B 60 19.87 -5.87 -8.54
CA GLY B 60 18.95 -6.86 -9.09
C GLY B 60 17.56 -6.21 -9.33
N GLY B 61 16.71 -6.91 -10.03
CA GLY B 61 15.40 -6.39 -10.31
C GLY B 61 14.48 -7.43 -10.88
N TYR B 62 13.17 -7.14 -10.85
CA TYR B 62 12.16 -8.07 -11.38
C TYR B 62 11.03 -7.26 -12.01
N ASP B 63 10.60 -7.63 -13.21
CA ASP B 63 9.54 -6.83 -13.87
C ASP B 63 8.21 -7.52 -14.00
N GLY B 64 8.07 -8.68 -13.40
CA GLY B 64 6.81 -9.38 -13.46
C GLY B 64 6.90 -10.56 -14.45
N HIS B 65 8.02 -10.72 -15.12
CA HIS B 65 8.20 -11.86 -16.06
C HIS B 65 9.65 -12.35 -16.04
N ARG B 66 10.59 -11.42 -15.96
CA ARG B 66 12.01 -11.77 -15.89
C ARG B 66 12.78 -10.94 -14.88
N GLY B 67 13.78 -11.56 -14.29
CA GLY B 67 14.65 -10.85 -13.37
C GLY B 67 15.83 -10.32 -14.16
N SER B 68 16.52 -9.40 -13.53
CA SER B 68 17.63 -8.71 -14.09
C SER B 68 18.71 -8.38 -13.06
N ALA B 69 19.87 -8.00 -13.57
CA ALA B 69 20.99 -7.65 -12.72
C ALA B 69 21.90 -6.68 -13.45
N TYR B 70 22.17 -5.54 -12.81
CA TYR B 70 23.10 -4.55 -13.33
C TYR B 70 24.03 -4.16 -12.18
N TYR B 71 25.02 -3.35 -12.49
CA TYR B 71 25.96 -2.87 -11.50
C TYR B 71 26.53 -3.97 -10.57
N LEU B 72 27.00 -5.09 -11.14
CA LEU B 72 27.60 -6.13 -10.32
C LEU B 72 29.04 -5.69 -10.12
N GLY B 73 29.45 -5.54 -8.88
CA GLY B 73 30.82 -5.09 -8.66
C GLY B 73 31.32 -5.51 -7.32
N VAL B 74 32.60 -5.83 -7.28
CA VAL B 74 33.26 -6.20 -6.07
C VAL B 74 34.58 -5.41 -6.07
N HIS B 75 34.86 -4.72 -4.97
CA HIS B 75 36.05 -3.91 -4.89
C HIS B 75 37.30 -4.71 -5.22
N PRO B 76 38.20 -4.16 -6.07
CA PRO B 76 39.47 -4.83 -6.47
C PRO B 76 40.27 -5.56 -5.38
N GLU B 77 40.34 -4.98 -4.18
CA GLU B 77 41.07 -5.61 -3.06
C GLU B 77 40.29 -6.74 -2.44
N PHE B 78 39.03 -6.92 -2.83
CA PHE B 78 38.17 -7.97 -2.26
C PHE B 78 37.74 -9.07 -3.24
N ARG B 79 38.40 -9.14 -4.40
CA ARG B 79 38.06 -10.15 -5.41
C ARG B 79 38.60 -11.55 -5.13
N GLY B 80 38.09 -12.50 -5.90
CA GLY B 80 38.49 -13.91 -5.81
C GLY B 80 38.12 -14.61 -4.53
N ARG B 81 37.19 -14.02 -3.78
CA ARG B 81 36.73 -14.59 -2.51
C ARG B 81 35.30 -15.11 -2.58
N GLY B 82 34.69 -15.09 -3.76
CA GLY B 82 33.32 -15.58 -3.91
C GLY B 82 32.20 -14.60 -3.58
N ILE B 83 32.52 -13.32 -3.48
CA ILE B 83 31.50 -12.31 -3.16
C ILE B 83 30.50 -12.14 -4.33
N ALA B 84 31.00 -11.96 -5.55
CA ALA B 84 30.07 -11.84 -6.66
C ALA B 84 29.17 -13.06 -6.72
N ASN B 85 29.74 -14.23 -6.55
CA ASN B 85 28.93 -15.46 -6.54
C ASN B 85 27.85 -15.41 -5.44
N ALA B 86 28.25 -14.99 -4.26
CA ALA B 86 27.34 -14.88 -3.12
C ALA B 86 26.20 -13.94 -3.41
N LEU B 87 26.57 -12.80 -4.00
CA LEU B 87 25.62 -11.77 -4.44
C LEU B 87 24.60 -12.31 -5.41
N LEU B 88 25.11 -12.87 -6.51
CA LEU B 88 24.24 -13.47 -7.50
C LEU B 88 23.37 -14.57 -6.91
N ASN B 89 23.97 -15.49 -6.15
CA ASN B 89 23.18 -16.53 -5.54
C ASN B 89 22.07 -15.99 -4.61
N ARG B 90 22.36 -14.95 -3.84
CA ARG B 90 21.30 -14.39 -2.98
C ARG B 90 20.19 -13.75 -3.80
N LEU B 91 20.57 -13.02 -4.84
CA LEU B 91 19.56 -12.42 -5.70
C LEU B 91 18.67 -13.50 -6.27
N GLU B 92 19.29 -14.55 -6.83
CA GLU B 92 18.51 -15.63 -7.40
C GLU B 92 17.52 -16.16 -6.40
N LYS B 93 17.93 -16.33 -5.16
CA LYS B 93 16.98 -16.82 -4.17
C LYS B 93 15.85 -15.81 -3.86
N LYS B 94 16.18 -14.52 -3.73
CA LYS B 94 15.14 -13.50 -3.53
C LYS B 94 14.20 -13.48 -4.72
N LEU B 95 14.75 -13.68 -5.91
CA LEU B 95 13.91 -13.71 -7.10
C LEU B 95 12.92 -14.90 -7.06
N ILE B 96 13.44 -16.08 -6.78
CA ILE B 96 12.58 -17.27 -6.68
C ILE B 96 11.56 -17.08 -5.58
N ALA B 97 11.97 -16.45 -4.46
CA ALA B 97 11.05 -16.27 -3.36
C ALA B 97 9.81 -15.48 -3.72
N ARG B 98 9.90 -14.62 -4.72
CA ARG B 98 8.72 -13.88 -5.14
C ARG B 98 8.12 -14.37 -6.44
N GLY B 99 8.48 -15.58 -6.91
CA GLY B 99 7.93 -16.12 -8.12
C GLY B 99 8.59 -15.80 -9.42
N CYS B 100 9.75 -15.20 -9.39
CA CYS B 100 10.45 -14.92 -10.64
C CYS B 100 10.93 -16.17 -11.33
N PRO B 101 10.50 -16.42 -12.55
CA PRO B 101 10.88 -17.72 -13.18
C PRO B 101 12.24 -17.84 -13.89
N LYS B 102 12.89 -16.71 -14.13
CA LYS B 102 14.13 -16.68 -14.88
C LYS B 102 14.81 -15.35 -14.79
N ILE B 103 16.14 -15.37 -14.83
CA ILE B 103 16.90 -14.15 -14.74
C ILE B 103 17.66 -14.04 -16.06
N GLN B 104 17.76 -12.82 -16.58
CA GLN B 104 18.49 -12.58 -17.82
C GLN B 104 19.49 -11.50 -17.54
N ILE B 105 20.68 -11.62 -18.13
CA ILE B 105 21.71 -10.62 -17.95
C ILE B 105 22.45 -10.38 -19.25
N ASN B 106 22.64 -9.11 -19.59
CA ASN B 106 23.39 -8.76 -20.77
C ASN B 106 24.82 -8.47 -20.35
N VAL B 107 25.78 -8.99 -21.10
CA VAL B 107 27.21 -8.79 -20.84
C VAL B 107 27.94 -8.29 -22.10
N PRO B 108 28.92 -7.36 -21.94
CA PRO B 108 29.69 -6.89 -23.11
C PRO B 108 30.19 -8.07 -23.87
N GLU B 109 29.96 -8.09 -25.17
CA GLU B 109 30.39 -9.21 -25.99
C GLU B 109 31.88 -9.39 -25.91
N ASP B 110 32.58 -8.39 -25.37
CA ASP B 110 34.04 -8.42 -25.21
C ASP B 110 34.58 -9.05 -23.95
N ASN B 111 33.85 -8.96 -22.86
CA ASN B 111 34.38 -9.44 -21.58
C ASN B 111 34.32 -10.96 -21.38
N ASP B 112 35.43 -11.65 -21.60
CA ASP B 112 35.47 -13.13 -21.45
C ASP B 112 35.43 -13.61 -20.01
N MET B 113 36.16 -12.95 -19.12
CA MET B 113 36.14 -13.34 -17.69
C MET B 113 34.68 -13.31 -17.18
N VAL B 114 33.94 -12.25 -17.49
CA VAL B 114 32.56 -12.17 -17.02
C VAL B 114 31.66 -13.19 -17.69
N LEU B 115 31.89 -13.43 -18.97
CA LEU B 115 31.11 -14.40 -19.70
C LEU B 115 31.30 -15.78 -19.00
N GLY B 116 32.57 -16.09 -18.75
CA GLY B 116 32.94 -17.36 -18.13
C GLY B 116 32.30 -17.50 -16.76
N MET B 117 32.34 -16.42 -15.97
CA MET B 117 31.75 -16.48 -14.66
C MET B 117 30.29 -16.88 -14.72
N TYR B 118 29.55 -16.27 -15.65
CA TYR B 118 28.12 -16.56 -15.75
C TYR B 118 27.89 -17.97 -16.24
N GLU B 119 28.73 -18.43 -17.15
CA GLU B 119 28.62 -19.82 -17.63
C GLU B 119 28.81 -20.80 -16.50
N ARG B 120 29.82 -20.59 -15.64
CA ARG B 120 30.03 -21.52 -14.53
C ARG B 120 28.88 -21.48 -13.58
N LEU B 121 28.19 -20.36 -13.49
CA LEU B 121 27.03 -20.25 -12.59
C LEU B 121 25.79 -20.88 -13.23
N GLY B 122 25.94 -21.44 -14.44
CA GLY B 122 24.81 -22.10 -15.09
C GLY B 122 24.00 -21.24 -16.03
N TYR B 123 24.50 -20.04 -16.36
CA TYR B 123 23.77 -19.22 -17.30
C TYR B 123 24.13 -19.68 -18.69
N GLU B 124 23.18 -19.59 -19.61
CA GLU B 124 23.45 -19.97 -21.00
C GLU B 124 23.14 -18.83 -21.94
N HIS B 125 23.89 -18.81 -23.03
CA HIS B 125 23.78 -17.82 -24.07
C HIS B 125 22.46 -17.97 -24.81
N ALA B 126 21.78 -16.88 -24.98
CA ALA B 126 20.50 -16.84 -25.66
C ALA B 126 20.79 -16.38 -27.09
N ASP B 127 20.14 -17.00 -28.06
CA ASP B 127 20.34 -16.67 -29.48
C ASP B 127 19.41 -15.55 -29.89
N VAL B 128 19.71 -14.37 -29.38
CA VAL B 128 18.89 -13.22 -29.61
C VAL B 128 19.75 -11.99 -29.81
N LEU B 129 19.14 -10.96 -30.37
CA LEU B 129 19.80 -9.68 -30.55
C LEU B 129 19.17 -8.79 -29.48
N SER B 130 19.95 -7.93 -28.84
CA SER B 130 19.41 -7.04 -27.84
C SER B 130 19.25 -5.64 -28.44
N LEU B 131 18.05 -5.10 -28.36
CA LEU B 131 17.76 -3.78 -28.90
C LEU B 131 17.35 -2.88 -27.76
N GLY B 132 17.49 -1.58 -27.96
CA GLY B 132 17.10 -0.66 -26.89
C GLY B 132 16.75 0.70 -27.44
N LYS B 133 16.00 1.46 -26.67
CA LYS B 133 15.63 2.84 -27.05
C LYS B 133 15.71 3.68 -25.76
N ARG B 134 16.49 4.73 -25.78
CA ARG B 134 16.61 5.62 -24.61
C ARG B 134 15.31 6.40 -24.51
N LEU B 135 14.73 6.46 -23.30
CA LEU B 135 13.46 7.22 -23.08
C LEU B 135 13.64 8.56 -22.34
N ILE B 136 14.51 8.59 -21.33
CA ILE B 136 14.87 9.80 -20.63
C ILE B 136 16.41 9.88 -20.62
N GLU B 137 16.96 10.97 -21.19
CA GLU B 137 18.41 11.19 -21.22
C GLU B 137 18.98 11.67 -19.88
N ASP B 138 20.17 11.20 -19.53
CA ASP B 138 20.85 11.65 -18.29
C ASP B 138 22.03 12.53 -18.70
N GLU B 139 22.57 13.28 -17.73
CA GLU B 139 23.76 14.11 -17.92
C GLU B 139 24.71 13.97 -16.74
N MET C 1 14.18 -11.07 28.59
CA MET C 1 13.66 -12.03 27.61
C MET C 1 12.67 -11.23 26.78
N GLU C 2 13.01 -10.94 25.53
CA GLU C 2 12.12 -10.13 24.67
C GLU C 2 11.71 -10.77 23.34
N ILE C 3 10.40 -10.77 23.07
CA ILE C 3 9.85 -11.27 21.82
C ILE C 3 9.61 -10.10 20.86
N ARG C 4 10.09 -10.23 19.62
CA ARG C 4 9.94 -9.20 18.61
C ARG C 4 9.86 -9.83 17.24
N VAL C 5 9.65 -8.99 16.25
CA VAL C 5 9.55 -9.48 14.90
C VAL C 5 10.94 -9.65 14.33
N PHE C 6 11.11 -10.69 13.54
CA PHE C 6 12.35 -10.95 12.80
C PHE C 6 12.84 -9.76 11.97
N ARG C 7 14.15 -9.56 11.98
CA ARG C 7 14.86 -8.53 11.21
C ARG C 7 15.92 -9.20 10.28
N GLN C 8 16.29 -8.53 9.18
CA GLN C 8 17.29 -9.01 8.22
C GLN C 8 18.59 -9.39 8.89
N GLU C 9 18.96 -8.59 9.90
CA GLU C 9 20.19 -8.82 10.61
C GLU C 9 20.16 -10.15 11.35
N ASP C 10 18.97 -10.71 11.56
CA ASP C 10 18.84 -11.97 12.27
C ASP C 10 19.02 -13.19 11.36
N PHE C 11 19.08 -12.95 10.05
CA PHE C 11 19.19 -14.03 9.00
C PHE C 11 20.01 -15.27 9.32
N GLU C 12 21.33 -15.12 9.43
CA GLU C 12 22.23 -16.25 9.75
C GLU C 12 22.05 -16.83 11.11
N GLU C 13 21.80 -15.98 12.10
N GLU C 13 21.78 -15.98 12.08
CA GLU C 13 21.63 -16.46 13.48
CA GLU C 13 21.60 -16.41 13.45
C GLU C 13 20.39 -17.36 13.61
C GLU C 13 20.42 -17.38 13.55
N VAL C 14 19.34 -17.06 12.86
CA VAL C 14 18.14 -17.88 12.89
C VAL C 14 18.34 -19.25 12.25
N ILE C 15 19.00 -19.25 11.10
CA ILE C 15 19.29 -20.48 10.41
C ILE C 15 20.13 -21.39 11.33
N THR C 16 21.13 -20.81 11.97
CA THR C 16 21.96 -21.60 12.85
C THR C 16 21.10 -22.23 13.93
N LEU C 17 20.29 -21.41 14.59
CA LEU C 17 19.38 -21.89 15.62
C LEU C 17 18.52 -23.04 15.06
N TRP C 18 18.00 -22.89 13.86
CA TRP C 18 17.18 -23.95 13.29
C TRP C 18 17.96 -25.27 13.16
N GLU C 19 19.24 -25.18 12.79
CA GLU C 19 20.05 -26.41 12.66
C GLU C 19 20.18 -27.00 14.06
N ARG C 20 20.46 -26.13 15.02
CA ARG C 20 20.62 -26.56 16.41
C ARG C 20 19.37 -27.23 16.94
N CYS C 21 18.20 -26.88 16.39
CA CYS C 21 16.91 -27.45 16.85
C CYS C 21 16.38 -28.56 15.94
N ASP C 22 17.23 -29.05 15.03
N ASP C 22 17.22 -29.08 15.05
CA ASP C 22 16.88 -30.12 14.08
CA ASP C 22 16.83 -30.15 14.13
C ASP C 22 15.58 -29.80 13.36
C ASP C 22 15.55 -29.80 13.38
N LEU C 23 15.43 -28.53 12.99
CA LEU C 23 14.25 -28.06 12.23
C LEU C 23 14.46 -28.05 10.71
N LEU C 24 15.71 -28.13 10.28
CA LEU C 24 16.00 -28.12 8.86
C LEU C 24 15.65 -29.43 8.15
N ARG C 25 15.19 -29.30 6.91
CA ARG C 25 14.97 -30.49 6.07
C ARG C 25 15.54 -30.13 4.73
N PRO C 26 16.05 -31.14 3.99
CA PRO C 26 16.69 -30.83 2.72
C PRO C 26 15.75 -30.30 1.61
N TRP C 27 14.45 -30.56 1.73
CA TRP C 27 13.49 -30.09 0.74
C TRP C 27 13.09 -28.65 0.97
N ASN C 28 13.39 -28.15 2.16
CA ASN C 28 13.09 -26.75 2.55
C ASN C 28 14.37 -25.93 2.68
N ASP C 29 14.67 -25.07 1.72
CA ASP C 29 15.87 -24.29 1.82
C ASP C 29 15.56 -23.20 2.88
N PRO C 30 16.27 -23.19 4.00
CA PRO C 30 15.90 -22.21 4.99
C PRO C 30 16.11 -20.79 4.53
N GLU C 31 17.09 -20.54 3.67
CA GLU C 31 17.27 -19.16 3.20
C GLU C 31 16.04 -18.75 2.36
N MET C 32 15.58 -19.67 1.54
CA MET C 32 14.40 -19.42 0.72
C MET C 32 13.18 -19.22 1.63
N ASP C 33 13.05 -20.03 2.69
CA ASP C 33 11.90 -19.93 3.56
C ASP C 33 11.85 -18.57 4.25
N ILE C 34 13.03 -18.03 4.62
CA ILE C 34 13.06 -16.70 5.25
C ILE C 34 12.77 -15.64 4.20
N GLU C 35 13.38 -15.76 3.02
CA GLU C 35 13.11 -14.79 1.95
C GLU C 35 11.64 -14.73 1.58
N ARG C 36 10.98 -15.89 1.53
CA ARG C 36 9.53 -15.97 1.23
C ARG C 36 8.76 -15.18 2.26
N LYS C 37 9.13 -15.41 3.52
CA LYS C 37 8.48 -14.74 4.61
C LYS C 37 8.69 -13.21 4.56
N MET C 38 9.90 -12.75 4.29
CA MET C 38 10.21 -11.31 4.22
C MET C 38 9.44 -10.61 3.11
N ASN C 39 9.39 -11.27 1.97
CA ASN C 39 8.68 -10.73 0.83
C ASN C 39 7.17 -10.66 1.04
N HIS C 40 6.64 -11.57 1.81
CA HIS C 40 5.22 -11.73 1.95
C HIS C 40 4.62 -10.87 3.05
N ASP C 41 5.15 -11.00 4.24
CA ASP C 41 4.68 -10.31 5.42
C ASP C 41 5.49 -10.83 6.60
N VAL C 42 6.48 -10.07 6.98
CA VAL C 42 7.35 -10.45 8.07
C VAL C 42 6.72 -10.40 9.46
N SER C 43 5.59 -9.73 9.58
CA SER C 43 5.00 -9.41 10.90
C SER C 43 4.67 -10.50 11.90
N LEU C 44 4.35 -11.73 11.47
CA LEU C 44 4.09 -12.85 12.38
C LEU C 44 5.32 -13.80 12.56
N PHE C 45 6.47 -13.41 12.03
CA PHE C 45 7.69 -14.16 12.10
C PHE C 45 8.41 -13.57 13.30
N LEU C 46 8.37 -14.34 14.39
CA LEU C 46 8.85 -13.82 15.63
C LEU C 46 10.14 -14.43 16.14
N VAL C 47 10.86 -13.66 16.95
CA VAL C 47 12.08 -14.11 17.56
C VAL C 47 12.09 -13.75 19.03
N ALA C 48 12.72 -14.63 19.82
CA ALA C 48 12.91 -14.43 21.25
C ALA C 48 14.38 -14.11 21.44
N GLU C 49 14.62 -13.04 22.16
CA GLU C 49 15.96 -12.55 22.36
C GLU C 49 16.25 -12.55 23.86
N VAL C 50 17.39 -13.10 24.23
CA VAL C 50 17.85 -13.14 25.64
C VAL C 50 19.31 -12.68 25.62
N ASN C 51 19.64 -11.71 26.47
CA ASN C 51 21.02 -11.23 26.55
C ASN C 51 21.58 -10.83 25.18
N GLY C 52 20.70 -10.26 24.35
CA GLY C 52 21.06 -9.77 23.02
C GLY C 52 21.13 -10.76 21.89
N ASP C 53 20.90 -12.03 22.19
CA ASP C 53 20.96 -13.11 21.19
C ASP C 53 19.62 -13.77 20.90
N VAL C 54 19.37 -14.06 19.63
CA VAL C 54 18.17 -14.79 19.27
C VAL C 54 18.28 -16.25 19.77
N VAL C 55 17.38 -16.66 20.67
CA VAL C 55 17.38 -18.00 21.24
C VAL C 55 16.10 -18.78 20.98
N GLY C 56 15.15 -18.12 20.32
CA GLY C 56 13.88 -18.76 19.98
C GLY C 56 13.21 -18.10 18.79
N THR C 57 12.41 -18.86 18.04
CA THR C 57 11.68 -18.31 16.92
C THR C 57 10.38 -19.05 16.75
N VAL C 58 9.47 -18.40 16.01
CA VAL C 58 8.26 -19.06 15.51
C VAL C 58 7.86 -18.31 14.28
N MET C 59 7.78 -19.03 13.16
CA MET C 59 7.31 -18.42 11.90
C MET C 59 5.80 -18.55 11.90
N GLY C 60 5.12 -17.52 12.41
CA GLY C 60 3.68 -17.55 12.43
C GLY C 60 3.12 -17.03 11.10
N GLY C 61 1.83 -17.16 10.88
CA GLY C 61 1.26 -16.68 9.65
C GLY C 61 -0.24 -16.70 9.71
N TYR C 62 -0.85 -16.05 8.73
CA TYR C 62 -2.27 -15.91 8.64
C TYR C 62 -2.59 -15.71 7.18
N ASP C 63 -3.61 -16.41 6.71
CA ASP C 63 -4.02 -16.37 5.31
C ASP C 63 -5.43 -15.83 5.07
N GLY C 64 -6.00 -15.13 6.07
CA GLY C 64 -7.34 -14.55 5.96
C GLY C 64 -8.49 -15.44 6.38
N HIS C 65 -8.16 -16.62 6.86
CA HIS C 65 -9.11 -17.61 7.36
C HIS C 65 -8.48 -18.32 8.57
N ARG C 66 -7.25 -18.85 8.44
CA ARG C 66 -6.62 -19.55 9.55
C ARG C 66 -5.20 -19.10 9.78
N GLY C 67 -4.79 -19.17 11.02
CA GLY C 67 -3.42 -18.89 11.38
C GLY C 67 -2.58 -20.17 11.32
N SER C 68 -1.27 -20.01 11.22
CA SER C 68 -0.37 -21.13 11.10
C SER C 68 0.92 -20.87 11.87
N ALA C 69 1.68 -21.93 12.10
CA ALA C 69 2.96 -21.81 12.77
C ALA C 69 3.92 -22.88 12.31
N TYR C 70 5.11 -22.43 11.94
CA TYR C 70 6.20 -23.32 11.52
C TYR C 70 7.50 -22.85 12.23
N TYR C 71 8.53 -23.68 12.14
CA TYR C 71 9.81 -23.35 12.70
C TYR C 71 9.75 -22.83 14.14
N LEU C 72 9.06 -23.57 14.99
CA LEU C 72 9.07 -23.24 16.43
C LEU C 72 10.32 -23.93 17.00
N GLY C 73 11.24 -23.13 17.48
CA GLY C 73 12.46 -23.66 18.04
C GLY C 73 13.01 -22.80 19.15
N VAL C 74 13.57 -23.47 20.16
CA VAL C 74 14.22 -22.81 21.29
C VAL C 74 15.55 -23.54 21.50
N HIS C 75 16.61 -22.76 21.51
CA HIS C 75 17.97 -23.28 21.69
C HIS C 75 18.01 -24.24 22.89
N PRO C 76 18.68 -25.39 22.71
CA PRO C 76 18.77 -26.38 23.76
C PRO C 76 19.22 -25.87 25.15
N GLU C 77 20.11 -24.87 25.22
CA GLU C 77 20.52 -24.35 26.55
C GLU C 77 19.46 -23.44 27.17
N PHE C 78 18.48 -23.00 26.38
CA PHE C 78 17.46 -22.09 26.88
C PHE C 78 16.07 -22.70 27.05
N ARG C 79 15.98 -24.03 26.98
CA ARG C 79 14.70 -24.76 27.11
C ARG C 79 14.22 -24.91 28.55
N GLY C 80 12.92 -25.12 28.75
CA GLY C 80 12.35 -25.27 30.11
C GLY C 80 12.22 -23.94 30.85
N ARG C 81 12.17 -22.84 30.09
CA ARG C 81 12.11 -21.49 30.66
C ARG C 81 10.83 -20.76 30.26
N GLY C 82 10.00 -21.42 29.48
CA GLY C 82 8.75 -20.82 29.03
C GLY C 82 8.87 -20.00 27.77
N ILE C 83 9.98 -20.13 27.04
CA ILE C 83 10.13 -19.34 25.83
C ILE C 83 9.17 -19.75 24.71
N ALA C 84 9.01 -21.05 24.48
CA ALA C 84 8.07 -21.53 23.44
C ALA C 84 6.65 -21.10 23.79
N ASN C 85 6.28 -21.28 25.03
CA ASN C 85 4.99 -20.77 25.49
C ASN C 85 4.84 -19.27 25.20
N ALA C 86 5.87 -18.48 25.52
CA ALA C 86 5.81 -17.02 25.31
C ALA C 86 5.67 -16.69 23.84
N LEU C 87 6.37 -17.47 23.02
CA LEU C 87 6.28 -17.30 21.58
C LEU C 87 4.88 -17.61 21.03
N LEU C 88 4.33 -18.73 21.46
CA LEU C 88 3.03 -19.13 21.03
C LEU C 88 1.96 -18.17 21.54
N ASN C 89 2.10 -17.67 22.77
CA ASN C 89 1.11 -16.72 23.25
C ASN C 89 1.06 -15.43 22.54
N ARG C 90 2.23 -14.89 22.29
CA ARG C 90 2.34 -13.63 21.62
C ARG C 90 1.86 -13.77 20.19
N LEU C 91 2.07 -14.93 19.56
CA LEU C 91 1.63 -15.13 18.18
C LEU C 91 0.12 -15.10 18.17
N GLU C 92 -0.47 -15.81 19.12
CA GLU C 92 -1.93 -15.83 19.29
C GLU C 92 -2.51 -14.43 19.48
N LYS C 93 -1.91 -13.63 20.33
CA LYS C 93 -2.39 -12.26 20.50
C LYS C 93 -2.33 -11.47 19.19
N LYS C 94 -1.20 -11.57 18.46
CA LYS C 94 -1.03 -10.89 17.19
C LYS C 94 -2.09 -11.36 16.21
N LEU C 95 -2.39 -12.65 16.24
CA LEU C 95 -3.40 -13.19 15.34
C LEU C 95 -4.78 -12.62 15.66
N ILE C 96 -5.16 -12.67 16.92
CA ILE C 96 -6.43 -12.12 17.35
C ILE C 96 -6.52 -10.62 17.05
N ALA C 97 -5.41 -9.91 17.23
CA ALA C 97 -5.32 -8.47 17.03
C ALA C 97 -5.73 -8.13 15.63
N ARG C 98 -5.41 -8.98 14.64
CA ARG C 98 -5.84 -8.71 13.23
C ARG C 98 -7.10 -9.51 12.81
N GLY C 99 -7.80 -10.12 13.76
CA GLY C 99 -9.05 -10.80 13.43
C GLY C 99 -8.96 -12.26 13.01
N CYS C 100 -7.83 -12.91 13.24
CA CYS C 100 -7.74 -14.35 12.90
C CYS C 100 -8.57 -15.16 13.92
N PRO C 101 -9.52 -15.98 13.44
CA PRO C 101 -10.40 -16.73 14.37
C PRO C 101 -9.95 -18.09 14.91
N LYS C 102 -8.89 -18.66 14.35
CA LYS C 102 -8.42 -19.99 14.73
C LYS C 102 -7.05 -20.27 14.14
N ILE C 103 -6.21 -20.96 14.90
CA ILE C 103 -4.88 -21.31 14.43
C ILE C 103 -4.77 -22.82 14.33
N GLN C 104 -4.03 -23.27 13.32
CA GLN C 104 -3.84 -24.68 13.00
C GLN C 104 -2.37 -24.99 12.95
N ILE C 105 -1.96 -26.10 13.59
CA ILE C 105 -0.58 -26.55 13.58
C ILE C 105 -0.49 -28.07 13.44
N ASN C 106 0.28 -28.54 12.48
CA ASN C 106 0.53 -29.95 12.31
C ASN C 106 1.81 -30.32 13.07
N VAL C 107 1.78 -31.39 13.85
CA VAL C 107 2.99 -31.81 14.57
C VAL C 107 3.31 -33.27 14.26
N PRO C 108 4.61 -33.63 14.21
CA PRO C 108 4.98 -35.03 13.95
C PRO C 108 4.24 -35.96 14.88
N GLU C 109 3.88 -37.14 14.39
CA GLU C 109 3.13 -38.13 15.16
C GLU C 109 3.91 -38.75 16.33
N ASP C 110 5.22 -38.83 16.19
CA ASP C 110 6.04 -39.45 17.22
C ASP C 110 6.30 -38.60 18.47
N ASN C 111 6.21 -37.28 18.36
CA ASN C 111 6.58 -36.41 19.46
C ASN C 111 5.52 -36.09 20.53
N ASP C 112 5.62 -36.74 21.69
CA ASP C 112 4.66 -36.52 22.76
C ASP C 112 4.82 -35.27 23.59
N MET C 113 6.05 -34.82 23.83
CA MET C 113 6.16 -33.61 24.66
C MET C 113 5.60 -32.47 23.84
N VAL C 114 5.79 -32.51 22.52
CA VAL C 114 5.26 -31.43 21.65
C VAL C 114 3.75 -31.38 21.77
N LEU C 115 3.10 -32.52 21.60
CA LEU C 115 1.65 -32.55 21.73
C LEU C 115 1.25 -31.95 23.06
N GLY C 116 1.82 -32.51 24.13
CA GLY C 116 1.51 -32.09 25.49
C GLY C 116 1.57 -30.58 25.64
N MET C 117 2.62 -30.01 25.07
CA MET C 117 2.78 -28.57 25.14
C MET C 117 1.56 -27.91 24.46
N TYR C 118 1.19 -28.38 23.29
CA TYR C 118 0.03 -27.79 22.59
C TYR C 118 -1.30 -28.11 23.30
N GLU C 119 -1.46 -29.30 23.84
CA GLU C 119 -2.71 -29.59 24.53
C GLU C 119 -2.86 -28.69 25.78
N ARG C 120 -1.75 -28.37 26.42
CA ARG C 120 -1.81 -27.55 27.61
C ARG C 120 -2.22 -26.14 27.27
N LEU C 121 -2.01 -25.75 26.03
CA LEU C 121 -2.37 -24.42 25.58
C LEU C 121 -3.78 -24.38 25.00
N GLY C 122 -4.48 -25.50 25.05
CA GLY C 122 -5.86 -25.55 24.52
C GLY C 122 -6.00 -26.00 23.07
N TYR C 123 -4.91 -26.44 22.45
CA TYR C 123 -5.03 -26.95 21.08
C TYR C 123 -5.60 -28.35 21.17
N GLU C 124 -6.43 -28.69 20.22
CA GLU C 124 -7.07 -29.99 20.19
C GLU C 124 -6.87 -30.65 18.88
N HIS C 125 -7.00 -31.96 18.92
CA HIS C 125 -6.88 -32.78 17.74
C HIS C 125 -8.11 -32.61 16.81
N ALA C 126 -7.84 -32.57 15.51
CA ALA C 126 -8.87 -32.44 14.52
C ALA C 126 -8.88 -33.77 13.72
N ASP C 127 -10.06 -34.36 13.56
CA ASP C 127 -10.20 -35.58 12.79
C ASP C 127 -10.01 -35.38 11.27
N VAL C 128 -8.78 -35.15 10.81
CA VAL C 128 -8.61 -34.92 9.40
C VAL C 128 -7.35 -35.57 8.91
N LEU C 129 -7.22 -35.64 7.60
CA LEU C 129 -6.01 -36.13 6.99
C LEU C 129 -5.41 -34.89 6.35
N SER C 130 -4.15 -34.62 6.67
CA SER C 130 -3.46 -33.50 6.09
C SER C 130 -2.79 -33.98 4.82
N LEU C 131 -3.03 -33.26 3.73
CA LEU C 131 -2.43 -33.59 2.43
C LEU C 131 -1.56 -32.42 1.95
N GLY C 132 -0.51 -32.72 1.21
CA GLY C 132 0.36 -31.67 0.71
C GLY C 132 0.88 -31.95 -0.67
N LYS C 133 1.09 -30.89 -1.45
CA LYS C 133 1.62 -31.00 -2.80
C LYS C 133 2.70 -29.94 -2.96
N ARG C 134 3.93 -30.36 -3.33
CA ARG C 134 5.06 -29.45 -3.57
C ARG C 134 4.83 -28.77 -4.92
N LEU C 135 4.99 -27.47 -4.96
CA LEU C 135 4.73 -26.67 -6.15
C LEU C 135 5.99 -26.11 -6.70
N ILE C 136 6.96 -25.81 -5.84
CA ILE C 136 8.24 -25.27 -6.28
C ILE C 136 9.28 -25.99 -5.48
N GLU C 137 10.23 -26.62 -6.18
CA GLU C 137 11.34 -27.35 -5.57
C GLU C 137 12.48 -26.44 -5.16
N ASP C 138 13.03 -26.69 -3.98
CA ASP C 138 14.19 -25.96 -3.49
C ASP C 138 15.44 -26.80 -3.72
N GLU C 139 16.59 -26.14 -3.92
CA GLU C 139 17.85 -26.87 -4.04
C GLU C 139 18.34 -27.07 -2.61
N GLU C 140 19.23 -28.04 -2.41
CA GLU C 140 19.73 -28.30 -1.07
C GLU C 140 20.59 -27.18 -0.46
N TYR C 141 20.72 -27.29 0.86
CA TYR C 141 21.45 -26.34 1.67
C TYR C 141 22.16 -27.11 2.79
N MET D 1 -16.29 -21.30 -19.51
CA MET D 1 -16.52 -20.71 -18.18
C MET D 1 -15.28 -19.93 -17.81
N GLU D 2 -15.37 -19.19 -16.71
CA GLU D 2 -14.30 -18.37 -16.30
C GLU D 2 -13.99 -18.53 -14.80
N ILE D 3 -12.74 -18.33 -14.45
CA ILE D 3 -12.31 -18.39 -13.07
C ILE D 3 -11.72 -17.00 -12.84
N ARG D 4 -12.16 -16.35 -11.77
CA ARG D 4 -11.71 -14.99 -11.44
C ARG D 4 -11.79 -14.84 -9.95
N VAL D 5 -11.30 -13.71 -9.47
CA VAL D 5 -11.28 -13.41 -8.04
C VAL D 5 -12.66 -12.97 -7.60
N PHE D 6 -13.06 -13.44 -6.43
CA PHE D 6 -14.29 -13.08 -5.75
C PHE D 6 -14.42 -11.58 -5.66
N ARG D 7 -15.64 -11.10 -5.86
CA ARG D 7 -15.87 -9.70 -5.63
C ARG D 7 -17.04 -9.49 -4.75
N GLN D 8 -17.04 -8.35 -4.09
N GLN D 8 -17.00 -8.32 -4.13
CA GLN D 8 -18.07 -8.02 -3.13
CA GLN D 8 -17.99 -7.84 -3.18
C GLN D 8 -19.46 -8.35 -3.64
C GLN D 8 -19.43 -8.14 -3.59
N GLU D 9 -19.75 -7.92 -4.87
CA GLU D 9 -21.08 -8.20 -5.41
C GLU D 9 -21.45 -9.69 -5.41
N ASP D 10 -20.48 -10.59 -5.26
CA ASP D 10 -20.78 -12.06 -5.23
C ASP D 10 -21.16 -12.59 -3.83
N PHE D 11 -21.11 -11.73 -2.83
CA PHE D 11 -21.32 -12.12 -1.41
C PHE D 11 -22.44 -13.13 -1.10
N GLU D 12 -23.71 -12.77 -1.35
CA GLU D 12 -24.81 -13.69 -1.02
C GLU D 12 -24.87 -14.90 -1.93
N GLU D 13 -24.46 -14.71 -3.17
CA GLU D 13 -24.49 -15.79 -4.17
C GLU D 13 -23.57 -16.92 -3.69
N VAL D 14 -22.37 -16.55 -3.28
CA VAL D 14 -21.43 -17.48 -2.70
C VAL D 14 -21.95 -18.19 -1.46
N ILE D 15 -22.50 -17.45 -0.49
CA ILE D 15 -23.04 -18.08 0.71
C ILE D 15 -24.09 -19.10 0.30
N THR D 16 -24.93 -18.77 -0.66
CA THR D 16 -26.00 -19.70 -1.09
C THR D 16 -25.36 -20.96 -1.68
N LEU D 17 -24.34 -20.79 -2.51
CA LEU D 17 -23.66 -21.92 -3.12
C LEU D 17 -23.07 -22.81 -2.05
N TRP D 18 -22.50 -22.18 -1.01
CA TRP D 18 -21.94 -22.92 0.10
C TRP D 18 -23.00 -23.75 0.79
N GLU D 19 -24.16 -23.15 1.06
CA GLU D 19 -25.30 -23.88 1.66
C GLU D 19 -25.67 -25.09 0.78
N ARG D 20 -25.79 -24.85 -0.54
CA ARG D 20 -26.08 -25.93 -1.52
C ARG D 20 -25.00 -27.01 -1.50
N CYS D 21 -23.76 -26.64 -1.19
CA CYS D 21 -22.68 -27.62 -1.17
C CYS D 21 -22.40 -28.26 0.20
N ASP D 22 -23.22 -27.97 1.21
CA ASP D 22 -23.03 -28.56 2.55
C ASP D 22 -21.62 -28.30 3.10
N LEU D 23 -21.13 -27.10 2.81
CA LEU D 23 -19.84 -26.66 3.23
C LEU D 23 -19.95 -25.84 4.51
N LEU D 24 -21.14 -25.38 4.84
CA LEU D 24 -21.26 -24.58 6.03
C LEU D 24 -21.13 -25.44 7.29
N ARG D 25 -20.48 -24.90 8.32
CA ARG D 25 -20.32 -25.53 9.62
C ARG D 25 -20.87 -24.54 10.65
N PRO D 26 -21.52 -25.05 11.70
CA PRO D 26 -22.10 -24.17 12.71
C PRO D 26 -21.13 -23.18 13.38
N TRP D 27 -19.87 -23.55 13.53
CA TRP D 27 -18.90 -22.70 14.21
C TRP D 27 -18.18 -21.68 13.32
N ASN D 28 -18.43 -21.73 12.01
CA ASN D 28 -17.85 -20.78 11.07
C ASN D 28 -18.98 -20.04 10.35
N ASP D 29 -19.10 -18.77 10.70
CA ASP D 29 -20.08 -17.88 10.15
C ASP D 29 -19.55 -17.49 8.77
N PRO D 30 -20.25 -17.93 7.72
CA PRO D 30 -19.81 -17.68 6.35
C PRO D 30 -19.70 -16.19 6.02
N GLU D 31 -20.57 -15.36 6.63
CA GLU D 31 -20.48 -13.92 6.45
C GLU D 31 -19.16 -13.44 7.06
N MET D 32 -18.81 -13.97 8.22
CA MET D 32 -17.54 -13.58 8.82
C MET D 32 -16.33 -14.09 8.01
N ASP D 33 -16.43 -15.30 7.50
CA ASP D 33 -15.31 -15.86 6.76
C ASP D 33 -15.06 -15.07 5.53
N ILE D 34 -16.12 -14.64 4.85
CA ILE D 34 -15.91 -13.82 3.71
C ILE D 34 -15.39 -12.44 4.08
N GLU D 35 -15.90 -11.78 5.11
CA GLU D 35 -15.36 -10.45 5.46
C GLU D 35 -13.90 -10.54 5.81
N ARG D 36 -13.51 -11.60 6.54
CA ARG D 36 -12.09 -11.76 6.92
C ARG D 36 -11.23 -11.85 5.69
N LYS D 37 -11.67 -12.66 4.73
CA LYS D 37 -10.89 -12.81 3.54
C LYS D 37 -10.81 -11.47 2.72
N MET D 38 -11.93 -10.72 2.62
CA MET D 38 -11.97 -9.40 1.91
C MET D 38 -11.02 -8.40 2.56
N ASN D 39 -11.01 -8.37 3.88
CA ASN D 39 -10.13 -7.48 4.58
C ASN D 39 -8.64 -7.93 4.51
N HIS D 40 -8.41 -9.22 4.34
CA HIS D 40 -7.06 -9.73 4.32
C HIS D 40 -6.36 -9.64 2.97
N ASP D 41 -6.88 -10.33 1.98
CA ASP D 41 -6.36 -10.36 0.64
C ASP D 41 -7.29 -11.26 -0.10
N VAL D 42 -7.98 -10.70 -1.07
CA VAL D 42 -9.01 -11.45 -1.73
C VAL D 42 -8.48 -12.21 -2.93
N SER D 43 -7.26 -11.95 -3.32
CA SER D 43 -6.70 -12.43 -4.56
C SER D 43 -6.69 -13.92 -4.77
N LEU D 44 -6.74 -14.73 -3.70
CA LEU D 44 -6.75 -16.22 -3.89
C LEU D 44 -8.12 -16.87 -3.66
N PHE D 45 -9.13 -16.03 -3.44
CA PHE D 45 -10.50 -16.45 -3.22
C PHE D 45 -11.07 -16.37 -4.59
N LEU D 46 -11.25 -17.55 -5.17
CA LEU D 46 -11.66 -17.69 -6.56
C LEU D 46 -13.04 -18.21 -6.76
N VAL D 47 -13.70 -17.73 -7.81
CA VAL D 47 -15.00 -18.26 -8.13
C VAL D 47 -14.99 -18.74 -9.56
N ALA D 48 -15.82 -19.74 -9.88
CA ALA D 48 -15.93 -20.19 -11.24
C ALA D 48 -17.28 -19.68 -11.71
N GLU D 49 -17.30 -19.08 -12.88
CA GLU D 49 -18.58 -18.57 -13.37
C GLU D 49 -18.93 -19.21 -14.68
N VAL D 50 -20.18 -19.66 -14.83
CA VAL D 50 -20.66 -20.23 -16.07
C VAL D 50 -21.93 -19.44 -16.49
N ASN D 51 -21.89 -18.88 -17.69
CA ASN D 51 -23.02 -18.12 -18.24
C ASN D 51 -23.53 -17.08 -17.27
N GLY D 52 -22.61 -16.30 -16.71
CA GLY D 52 -22.97 -15.25 -15.75
C GLY D 52 -23.15 -15.63 -14.29
N ASP D 53 -23.28 -16.91 -13.95
CA ASP D 53 -23.49 -17.29 -12.57
C ASP D 53 -22.33 -18.00 -11.92
N VAL D 54 -22.14 -17.71 -10.64
CA VAL D 54 -21.13 -18.38 -9.82
C VAL D 54 -21.63 -19.81 -9.52
N VAL D 55 -20.93 -20.82 -10.01
CA VAL D 55 -21.29 -22.22 -9.80
C VAL D 55 -20.17 -22.98 -9.04
N GLY D 56 -19.07 -22.30 -8.74
CA GLY D 56 -17.98 -22.96 -8.00
C GLY D 56 -17.16 -21.95 -7.26
N THR D 57 -16.48 -22.40 -6.20
CA THR D 57 -15.54 -21.57 -5.47
C THR D 57 -14.43 -22.35 -4.83
N VAL D 58 -13.37 -21.63 -4.54
CA VAL D 58 -12.30 -22.13 -3.67
C VAL D 58 -11.67 -20.94 -2.95
N MET D 59 -11.61 -21.00 -1.62
CA MET D 59 -10.98 -19.96 -0.84
C MET D 59 -9.54 -20.34 -0.63
N GLY D 60 -8.71 -19.96 -1.59
CA GLY D 60 -7.27 -20.22 -1.52
C GLY D 60 -6.61 -19.19 -0.63
N GLY D 61 -5.40 -19.51 -0.20
CA GLY D 61 -4.65 -18.61 0.69
C GLY D 61 -3.18 -18.95 0.67
N TYR D 62 -2.41 -18.01 1.21
CA TYR D 62 -0.99 -18.15 1.30
C TYR D 62 -0.53 -17.31 2.47
N ASP D 63 0.32 -17.92 3.31
CA ASP D 63 0.80 -17.22 4.50
C ASP D 63 2.24 -16.93 4.50
N GLY D 64 2.91 -16.98 3.35
CA GLY D 64 4.35 -16.73 3.33
C GLY D 64 5.23 -17.98 3.48
N HIS D 65 4.60 -19.17 3.67
CA HIS D 65 5.32 -20.39 3.75
C HIS D 65 4.56 -21.55 3.06
N ARG D 66 3.26 -21.62 3.28
CA ARG D 66 2.50 -22.68 2.65
C ARG D 66 1.22 -22.13 2.12
N GLY D 67 0.67 -22.83 1.16
CA GLY D 67 -0.59 -22.38 0.60
C GLY D 67 -1.69 -23.18 1.26
N SER D 68 -2.93 -22.67 1.15
CA SER D 68 -4.07 -23.34 1.73
C SER D 68 -5.32 -23.32 0.88
N ALA D 69 -6.29 -24.16 1.18
CA ALA D 69 -7.55 -24.07 0.44
C ALA D 69 -8.71 -24.50 1.31
N TYR D 70 -9.77 -23.69 1.32
CA TYR D 70 -10.96 -23.98 2.08
C TYR D 70 -12.14 -23.77 1.15
N TYR D 71 -13.32 -24.12 1.64
CA TYR D 71 -14.55 -23.91 0.90
C TYR D 71 -14.46 -24.28 -0.56
N LEU D 72 -14.03 -25.50 -0.84
CA LEU D 72 -14.01 -25.94 -2.24
C LEU D 72 -15.40 -26.51 -2.52
N GLY D 73 -16.12 -25.93 -3.46
CA GLY D 73 -17.45 -26.37 -3.74
C GLY D 73 -17.90 -26.08 -5.14
N VAL D 74 -18.62 -27.04 -5.73
CA VAL D 74 -19.21 -26.89 -7.04
C VAL D 74 -20.72 -27.23 -6.93
N HIS D 75 -21.56 -26.40 -7.52
CA HIS D 75 -23.00 -26.59 -7.43
C HIS D 75 -23.34 -28.00 -7.94
N PRO D 76 -24.20 -28.75 -7.22
CA PRO D 76 -24.61 -30.10 -7.60
C PRO D 76 -24.96 -30.31 -9.08
N GLU D 77 -25.67 -29.35 -9.68
CA GLU D 77 -26.04 -29.44 -11.11
C GLU D 77 -24.85 -29.24 -12.08
N PHE D 78 -23.73 -28.76 -11.52
CA PHE D 78 -22.54 -28.48 -12.29
C PHE D 78 -21.32 -29.38 -12.03
N ARG D 79 -21.53 -30.47 -11.29
CA ARG D 79 -20.45 -31.39 -10.97
C ARG D 79 -20.13 -32.37 -12.10
N GLY D 80 -18.97 -33.00 -12.01
CA GLY D 80 -18.56 -33.97 -13.02
C GLY D 80 -18.14 -33.32 -14.33
N ARG D 81 -17.91 -32.01 -14.31
CA ARG D 81 -17.49 -31.24 -15.47
C ARG D 81 -16.04 -30.76 -15.35
N GLY D 82 -15.35 -31.09 -14.27
CA GLY D 82 -13.96 -30.66 -14.13
C GLY D 82 -13.80 -29.25 -13.54
N ILE D 83 -14.88 -28.70 -13.01
CA ILE D 83 -14.76 -27.37 -12.42
C ILE D 83 -13.89 -27.35 -11.16
N ALA D 84 -14.03 -28.35 -10.30
CA ALA D 84 -13.16 -28.37 -9.12
C ALA D 84 -11.72 -28.49 -9.54
N ASN D 85 -11.46 -29.40 -10.48
CA ASN D 85 -10.10 -29.55 -10.97
C ASN D 85 -9.54 -28.25 -11.53
N ALA D 86 -10.33 -27.53 -12.32
CA ALA D 86 -9.89 -26.27 -12.92
C ALA D 86 -9.63 -25.24 -11.79
N LEU D 87 -10.52 -25.16 -10.84
CA LEU D 87 -10.34 -24.30 -9.69
C LEU D 87 -9.02 -24.55 -8.97
N LEU D 88 -8.75 -25.80 -8.61
CA LEU D 88 -7.53 -26.15 -7.89
C LEU D 88 -6.32 -25.90 -8.74
N ASN D 89 -6.38 -26.26 -10.03
N ASN D 89 -6.38 -26.23 -10.03
CA ASN D 89 -5.24 -26.06 -10.94
CA ASN D 89 -5.24 -25.98 -10.90
C ASN D 89 -4.93 -24.53 -11.11
C ASN D 89 -4.92 -24.50 -10.97
N ARG D 90 -5.95 -23.67 -11.15
CA ARG D 90 -5.73 -22.23 -11.26
C ARG D 90 -5.14 -21.71 -9.92
N LEU D 91 -5.60 -22.25 -8.80
CA LEU D 91 -5.12 -21.80 -7.51
C LEU D 91 -3.63 -22.10 -7.38
N GLU D 92 -3.26 -23.30 -7.79
CA GLU D 92 -1.88 -23.73 -7.75
C GLU D 92 -1.04 -22.79 -8.60
N LYS D 93 -1.52 -22.44 -9.77
CA LYS D 93 -0.79 -21.54 -10.63
C LYS D 93 -0.64 -20.14 -10.04
N LYS D 94 -1.70 -19.61 -9.40
CA LYS D 94 -1.61 -18.30 -8.73
C LYS D 94 -0.60 -18.39 -7.56
N LEU D 95 -0.58 -19.52 -6.89
CA LEU D 95 0.38 -19.71 -5.78
C LEU D 95 1.83 -19.68 -6.26
N ILE D 96 2.10 -20.49 -7.29
CA ILE D 96 3.39 -20.58 -7.87
C ILE D 96 3.86 -19.21 -8.36
N ALA D 97 2.94 -18.48 -8.98
CA ALA D 97 3.19 -17.15 -9.51
C ALA D 97 3.68 -16.16 -8.45
N ARG D 98 3.26 -16.34 -7.21
CA ARG D 98 3.74 -15.45 -6.13
C ARG D 98 4.80 -16.14 -5.32
N GLY D 99 5.25 -17.31 -5.79
CA GLY D 99 6.35 -18.04 -5.15
C GLY D 99 6.09 -18.99 -4.00
N CYS D 100 4.81 -19.34 -3.81
CA CYS D 100 4.42 -20.29 -2.78
C CYS D 100 5.01 -21.65 -3.15
N PRO D 101 5.76 -22.32 -2.24
CA PRO D 101 6.41 -23.57 -2.66
C PRO D 101 5.67 -24.86 -2.45
N LYS D 102 4.57 -24.80 -1.72
CA LYS D 102 3.79 -25.99 -1.42
C LYS D 102 2.42 -25.62 -0.90
N ILE D 103 1.43 -26.45 -1.24
CA ILE D 103 0.07 -26.25 -0.75
C ILE D 103 -0.35 -27.39 0.18
N GLN D 104 -1.05 -27.03 1.26
CA GLN D 104 -1.57 -27.99 2.25
C GLN D 104 -3.09 -27.86 2.38
N ILE D 105 -3.75 -29.01 2.44
CA ILE D 105 -5.19 -29.08 2.55
C ILE D 105 -5.56 -30.19 3.47
N ASN D 106 -6.46 -29.91 4.39
CA ASN D 106 -6.92 -30.91 5.33
C ASN D 106 -8.28 -31.44 4.88
N VAL D 107 -8.39 -32.76 4.81
CA VAL D 107 -9.63 -33.40 4.42
C VAL D 107 -10.16 -34.31 5.53
N PRO D 108 -11.49 -34.42 5.67
CA PRO D 108 -12.04 -35.37 6.66
C PRO D 108 -11.51 -36.79 6.41
N GLU D 109 -11.37 -37.58 7.46
CA GLU D 109 -10.82 -38.93 7.32
C GLU D 109 -11.83 -39.98 6.89
N ASP D 110 -13.05 -39.57 6.55
CA ASP D 110 -14.12 -40.50 6.12
C ASP D 110 -14.34 -40.44 4.61
N ASN D 111 -14.41 -39.22 4.08
CA ASN D 111 -14.70 -39.00 2.67
C ASN D 111 -13.51 -39.38 1.80
N ASP D 112 -13.60 -40.53 1.12
CA ASP D 112 -12.49 -40.96 0.26
C ASP D 112 -12.70 -40.50 -1.18
N MET D 113 -13.93 -40.06 -1.49
CA MET D 113 -14.22 -39.57 -2.83
C MET D 113 -13.46 -38.25 -3.05
N VAL D 114 -13.40 -37.44 -2.00
CA VAL D 114 -12.66 -36.17 -2.05
C VAL D 114 -11.16 -36.52 -1.89
N LEU D 115 -10.87 -37.58 -1.14
CA LEU D 115 -9.49 -37.98 -0.94
C LEU D 115 -8.87 -38.44 -2.28
N GLY D 116 -9.60 -39.25 -3.03
CA GLY D 116 -9.08 -39.73 -4.33
C GLY D 116 -8.75 -38.60 -5.27
N MET D 117 -9.67 -37.64 -5.35
CA MET D 117 -9.50 -36.47 -6.21
C MET D 117 -8.13 -35.81 -5.89
N TYR D 118 -7.83 -35.65 -4.61
CA TYR D 118 -6.55 -35.01 -4.23
C TYR D 118 -5.32 -35.88 -4.54
N GLU D 119 -5.43 -37.18 -4.30
CA GLU D 119 -4.34 -38.12 -4.60
C GLU D 119 -3.95 -38.08 -6.06
N ARG D 120 -4.95 -38.08 -6.94
CA ARG D 120 -4.75 -37.96 -8.38
C ARG D 120 -4.12 -36.65 -8.79
N LEU D 121 -4.29 -35.63 -7.98
CA LEU D 121 -3.70 -34.37 -8.34
C LEU D 121 -2.26 -34.28 -7.83
N GLY D 122 -1.79 -35.35 -7.17
CA GLY D 122 -0.42 -35.40 -6.66
C GLY D 122 -0.24 -34.96 -5.22
N TYR D 123 -1.33 -34.84 -4.46
CA TYR D 123 -1.24 -34.48 -3.05
C TYR D 123 -0.91 -35.81 -2.34
N GLU D 124 -0.18 -35.74 -1.25
CA GLU D 124 0.20 -36.93 -0.50
C GLU D 124 0.02 -36.70 0.97
N HIS D 125 -0.28 -37.79 1.65
CA HIS D 125 -0.56 -37.82 3.07
C HIS D 125 0.67 -37.46 3.87
N ALA D 126 0.50 -36.53 4.78
CA ALA D 126 1.56 -36.15 5.68
C ALA D 126 1.31 -36.96 6.96
N ASP D 127 2.37 -37.53 7.54
CA ASP D 127 2.27 -38.31 8.77
C ASP D 127 2.40 -37.35 9.97
N VAL D 128 1.34 -36.58 10.17
CA VAL D 128 1.31 -35.56 11.21
C VAL D 128 -0.03 -35.61 11.93
N LEU D 129 -0.05 -34.96 13.07
CA LEU D 129 -1.26 -34.82 13.87
C LEU D 129 -1.57 -33.35 13.67
N SER D 130 -2.79 -33.07 13.22
CA SER D 130 -3.24 -31.71 12.98
C SER D 130 -3.96 -31.21 14.23
N LEU D 131 -3.52 -30.08 14.77
CA LEU D 131 -4.09 -29.53 16.01
C LEU D 131 -4.71 -28.17 15.67
N GLY D 132 -5.72 -27.73 16.45
CA GLY D 132 -6.39 -26.46 16.21
C GLY D 132 -6.82 -25.85 17.54
N LYS D 133 -6.81 -24.53 17.58
CA LYS D 133 -7.23 -23.80 18.73
C LYS D 133 -8.02 -22.62 18.21
N ARG D 134 -9.27 -22.57 18.63
CA ARG D 134 -10.11 -21.48 18.28
C ARG D 134 -9.72 -20.24 19.10
N LEU D 135 -9.61 -19.11 18.41
CA LEU D 135 -9.20 -17.83 19.06
C LEU D 135 -10.37 -16.83 19.17
N ILE D 136 -11.23 -16.78 18.14
CA ILE D 136 -12.40 -15.91 18.17
C ILE D 136 -13.61 -16.76 17.79
N GLU D 137 -14.58 -16.84 18.70
CA GLU D 137 -15.79 -17.60 18.51
C GLU D 137 -16.74 -16.78 17.65
N ASP D 138 -17.42 -17.48 16.75
CA ASP D 138 -18.41 -16.86 15.90
C ASP D 138 -19.76 -17.14 16.58
N GLU D 139 -20.79 -16.35 16.29
CA GLU D 139 -22.08 -16.55 16.92
C GLU D 139 -22.85 -17.57 16.12
N GLU D 140 -23.81 -18.23 16.75
CA GLU D 140 -24.67 -19.13 15.98
C GLU D 140 -25.32 -18.29 14.92
N TYR D 141 -25.30 -18.75 13.69
CA TYR D 141 -25.89 -18.00 12.59
C TYR D 141 -26.77 -18.92 11.76
N ALA D 142 -26.66 -20.22 12.03
CA ALA D 142 -27.35 -21.23 11.21
C ALA D 142 -28.87 -21.04 11.04
N GLY D 143 -29.32 -20.91 9.80
CA GLY D 143 -30.72 -20.75 9.48
C GLY D 143 -31.56 -22.00 9.73
N GLU D 144 -32.84 -21.77 9.96
CA GLU D 144 -33.81 -22.83 10.26
C GLU D 144 -33.75 -24.05 9.32
N ASN D 145 -33.44 -23.80 8.05
CA ASN D 145 -33.39 -24.85 7.05
C ASN D 145 -31.96 -25.28 6.66
N LEU D 146 -31.01 -25.09 7.57
CA LEU D 146 -29.62 -25.47 7.30
C LEU D 146 -29.23 -26.73 8.10
N MET E 1 -32.97 -6.43 -0.81
CA MET E 1 -32.30 -5.40 0.03
C MET E 1 -30.84 -5.82 0.26
N GLU E 2 -29.96 -5.30 -0.58
CA GLU E 2 -28.54 -5.59 -0.52
C GLU E 2 -27.74 -4.49 0.23
N ILE E 3 -26.87 -4.91 1.15
CA ILE E 3 -25.99 -3.97 1.86
C ILE E 3 -24.61 -4.06 1.22
N ARG E 4 -24.00 -2.92 0.98
CA ARG E 4 -22.71 -2.90 0.36
C ARG E 4 -22.00 -1.63 0.75
N VAL E 5 -20.74 -1.51 0.36
CA VAL E 5 -19.93 -0.36 0.64
C VAL E 5 -20.23 0.83 -0.27
N PHE E 6 -20.27 2.05 0.26
CA PHE E 6 -20.42 3.25 -0.54
C PHE E 6 -19.52 3.29 -1.77
N ARG E 7 -20.07 3.76 -2.89
CA ARG E 7 -19.37 3.94 -4.16
C ARG E 7 -19.47 5.44 -4.48
N GLN E 8 -18.59 5.97 -5.32
CA GLN E 8 -18.65 7.41 -5.66
C GLN E 8 -20.00 7.85 -6.22
N GLU E 9 -20.56 7.01 -7.08
CA GLU E 9 -21.83 7.32 -7.75
C GLU E 9 -23.00 7.46 -6.78
N ASP E 10 -22.83 6.99 -5.55
CA ASP E 10 -23.88 7.10 -4.57
C ASP E 10 -23.86 8.49 -3.88
N PHE E 11 -22.82 9.28 -4.13
CA PHE E 11 -22.58 10.56 -3.43
C PHE E 11 -23.78 11.49 -3.20
N GLU E 12 -24.43 11.91 -4.28
CA GLU E 12 -25.54 12.84 -4.17
C GLU E 12 -26.76 12.20 -3.51
N GLU E 13 -27.08 10.98 -3.97
CA GLU E 13 -28.15 10.19 -3.38
C GLU E 13 -27.99 10.10 -1.87
N VAL E 14 -26.78 9.88 -1.43
CA VAL E 14 -26.57 9.76 0.01
C VAL E 14 -26.81 11.11 0.73
N ILE E 15 -26.30 12.20 0.18
CA ILE E 15 -26.53 13.51 0.84
C ILE E 15 -28.05 13.77 0.92
N THR E 16 -28.78 13.46 -0.14
CA THR E 16 -30.25 13.62 -0.18
C THR E 16 -30.96 12.79 0.91
N LEU E 17 -30.56 11.53 1.01
CA LEU E 17 -31.11 10.68 2.03
C LEU E 17 -30.80 11.30 3.41
N TRP E 18 -29.57 11.78 3.58
CA TRP E 18 -29.25 12.35 4.90
C TRP E 18 -30.15 13.54 5.19
N GLU E 19 -30.48 14.31 4.14
CA GLU E 19 -31.36 15.47 4.29
C GLU E 19 -32.69 15.03 4.83
N ARG E 20 -33.24 14.01 4.17
CA ARG E 20 -34.57 13.50 4.49
C ARG E 20 -34.57 12.86 5.87
N CYS E 21 -33.39 12.50 6.39
CA CYS E 21 -33.30 11.88 7.71
C CYS E 21 -32.95 12.86 8.82
N ASP E 22 -32.89 14.15 8.46
CA ASP E 22 -32.57 15.23 9.39
C ASP E 22 -31.22 14.98 10.08
N LEU E 23 -30.27 14.42 9.33
CA LEU E 23 -28.93 14.12 9.90
C LEU E 23 -27.89 15.15 9.57
N LEU E 24 -28.24 16.18 8.82
CA LEU E 24 -27.25 17.17 8.52
C LEU E 24 -27.19 18.11 9.69
N ARG E 25 -26.00 18.54 10.03
CA ARG E 25 -25.82 19.49 11.10
C ARG E 25 -25.11 20.69 10.50
N PRO E 26 -25.39 21.88 11.00
CA PRO E 26 -24.74 23.11 10.51
C PRO E 26 -23.19 23.13 10.59
N TRP E 27 -22.61 22.46 11.58
CA TRP E 27 -21.14 22.44 11.70
C TRP E 27 -20.46 21.29 10.89
N ASN E 28 -21.26 20.36 10.33
CA ASN E 28 -20.72 19.26 9.49
C ASN E 28 -21.12 19.35 8.02
N ASP E 29 -20.17 19.70 7.18
CA ASP E 29 -20.43 19.77 5.75
C ASP E 29 -20.47 18.32 5.28
N PRO E 30 -21.65 17.83 4.89
CA PRO E 30 -21.77 16.43 4.50
C PRO E 30 -20.93 16.06 3.30
N GLU E 31 -20.69 16.98 2.39
CA GLU E 31 -19.82 16.70 1.27
C GLU E 31 -18.37 16.44 1.77
N MET E 32 -17.98 17.23 2.74
CA MET E 32 -16.67 17.12 3.33
C MET E 32 -16.60 15.80 4.09
N ASP E 33 -17.67 15.42 4.75
CA ASP E 33 -17.61 14.21 5.54
C ASP E 33 -17.51 13.01 4.63
N ILE E 34 -18.16 13.06 3.49
CA ILE E 34 -18.03 11.96 2.55
C ILE E 34 -16.60 11.93 2.01
N GLU E 35 -16.06 13.08 1.63
CA GLU E 35 -14.69 13.12 1.09
C GLU E 35 -13.65 12.63 2.09
N ARG E 36 -13.83 13.01 3.36
CA ARG E 36 -12.93 12.52 4.43
C ARG E 36 -12.94 11.00 4.49
N LYS E 37 -14.11 10.40 4.47
CA LYS E 37 -14.23 8.96 4.53
C LYS E 37 -13.61 8.25 3.29
N MET E 38 -13.86 8.77 2.11
CA MET E 38 -13.31 8.22 0.87
C MET E 38 -11.79 8.25 0.87
N ASN E 39 -11.19 9.30 1.43
CA ASN E 39 -9.76 9.43 1.43
C ASN E 39 -9.17 8.58 2.54
N HIS E 40 -9.90 8.38 3.61
CA HIS E 40 -9.38 7.65 4.76
C HIS E 40 -9.47 6.14 4.59
N ASP E 41 -10.66 5.66 4.32
CA ASP E 41 -10.94 4.27 4.17
C ASP E 41 -12.42 4.16 4.09
N VAL E 42 -12.91 3.82 2.93
CA VAL E 42 -14.32 3.79 2.68
C VAL E 42 -14.97 2.49 3.06
N SER E 43 -14.16 1.53 3.47
CA SER E 43 -14.63 0.17 3.63
C SER E 43 -15.67 -0.09 4.69
N LEU E 44 -15.82 0.81 5.63
CA LEU E 44 -16.84 0.65 6.64
C LEU E 44 -18.03 1.60 6.50
N PHE E 45 -18.10 2.30 5.39
CA PHE E 45 -19.18 3.21 5.04
C PHE E 45 -20.10 2.39 4.18
N LEU E 46 -21.24 2.02 4.75
CA LEU E 46 -22.15 1.10 4.09
C LEU E 46 -23.44 1.75 3.64
N VAL E 47 -24.02 1.19 2.59
CA VAL E 47 -25.28 1.68 2.12
C VAL E 47 -26.17 0.48 1.94
N ALA E 48 -27.47 0.70 2.08
CA ALA E 48 -28.45 -0.35 1.89
C ALA E 48 -29.26 0.07 0.69
N GLU E 49 -29.40 -0.83 -0.28
CA GLU E 49 -30.21 -0.49 -1.43
C GLU E 49 -31.39 -1.43 -1.56
N VAL E 50 -32.51 -0.88 -2.03
CA VAL E 50 -33.75 -1.61 -2.29
C VAL E 50 -34.15 -1.26 -3.72
N ASN E 51 -34.20 -2.29 -4.57
CA ASN E 51 -34.57 -2.12 -5.97
C ASN E 51 -33.79 -1.02 -6.65
N GLY E 52 -32.46 -1.08 -6.50
CA GLY E 52 -31.54 -0.15 -7.12
C GLY E 52 -31.33 1.21 -6.49
N ASP E 53 -32.08 1.55 -5.45
CA ASP E 53 -31.93 2.86 -4.83
C ASP E 53 -31.36 2.76 -3.45
N VAL E 54 -30.42 3.65 -3.09
CA VAL E 54 -29.96 3.62 -1.72
C VAL E 54 -31.01 4.21 -0.82
N VAL E 55 -31.42 3.45 0.19
CA VAL E 55 -32.46 3.88 1.12
C VAL E 55 -31.99 3.84 2.56
N GLY E 56 -30.70 3.54 2.78
CA GLY E 56 -30.12 3.48 4.13
C GLY E 56 -28.60 3.58 4.09
N THR E 57 -28.02 4.10 5.16
CA THR E 57 -26.59 4.22 5.28
C THR E 57 -26.15 4.10 6.70
N VAL E 58 -24.85 3.83 6.85
CA VAL E 58 -24.18 3.87 8.12
C VAL E 58 -22.72 4.14 7.83
N MET E 59 -22.19 5.20 8.44
CA MET E 59 -20.80 5.50 8.27
C MET E 59 -20.04 4.88 9.43
N GLY E 60 -19.61 3.63 9.23
CA GLY E 60 -18.86 2.91 10.24
C GLY E 60 -17.41 3.29 10.16
N GLY E 61 -16.67 2.93 11.20
CA GLY E 61 -15.27 3.24 11.24
C GLY E 61 -14.52 2.52 12.36
N TYR E 62 -13.20 2.50 12.24
CA TYR E 62 -12.32 1.86 13.18
C TYR E 62 -11.01 2.65 13.26
N ASP E 63 -10.53 2.87 14.49
CA ASP E 63 -9.32 3.63 14.70
C ASP E 63 -8.15 2.84 15.26
N GLY E 64 -8.25 1.51 15.26
CA GLY E 64 -7.20 0.64 15.79
C GLY E 64 -7.43 0.32 17.26
N HIS E 65 -8.51 0.87 17.84
CA HIS E 65 -8.81 0.56 19.26
C HIS E 65 -10.32 0.41 19.50
N ARG E 66 -11.12 1.26 18.86
CA ARG E 66 -12.57 1.20 19.03
C ARG E 66 -13.24 1.47 17.71
N GLY E 67 -14.36 0.81 17.46
CA GLY E 67 -15.09 1.11 16.23
C GLY E 67 -16.04 2.26 16.48
N SER E 68 -16.61 2.84 15.42
CA SER E 68 -17.54 3.97 15.55
C SER E 68 -18.65 3.90 14.52
N ALA E 69 -19.68 4.73 14.68
CA ALA E 69 -20.75 4.80 13.67
C ALA E 69 -21.40 6.15 13.73
N TYR E 70 -21.62 6.71 12.55
CA TYR E 70 -22.26 8.00 12.38
C TYR E 70 -23.16 7.93 11.18
N TYR E 71 -23.98 8.96 11.00
CA TYR E 71 -24.86 9.03 9.84
C TYR E 71 -25.64 7.76 9.55
N LEU E 72 -26.26 7.24 10.60
CA LEU E 72 -27.16 6.12 10.47
C LEU E 72 -28.55 6.68 10.09
N GLY E 73 -29.00 6.40 8.87
CA GLY E 73 -30.31 6.83 8.44
C GLY E 73 -30.96 5.85 7.50
N VAL E 74 -32.27 5.76 7.62
CA VAL E 74 -33.11 4.93 6.77
C VAL E 74 -34.26 5.84 6.26
N HIS E 75 -34.41 5.91 4.96
CA HIS E 75 -35.44 6.75 4.39
C HIS E 75 -36.82 6.50 5.07
N PRO E 76 -37.60 7.57 5.35
CA PRO E 76 -38.89 7.41 6.03
C PRO E 76 -39.81 6.34 5.46
N GLU E 77 -39.91 6.26 4.15
CA GLU E 77 -40.81 5.28 3.53
C GLU E 77 -40.33 3.85 3.69
N PHE E 78 -39.08 3.64 4.07
CA PHE E 78 -38.54 2.30 4.21
C PHE E 78 -38.24 1.89 5.65
N ARG E 79 -38.64 2.70 6.62
CA ARG E 79 -38.37 2.38 8.03
C ARG E 79 -39.23 1.27 8.54
N GLY E 80 -38.80 0.71 9.67
CA GLY E 80 -39.52 -0.35 10.33
C GLY E 80 -39.46 -1.68 9.62
N ARG E 81 -38.45 -1.89 8.79
CA ARG E 81 -38.27 -3.16 8.07
C ARG E 81 -36.95 -3.85 8.48
N GLY E 82 -36.28 -3.35 9.53
CA GLY E 82 -35.01 -3.97 10.00
C GLY E 82 -33.76 -3.57 9.26
N ILE E 83 -33.88 -2.52 8.47
CA ILE E 83 -32.77 -2.06 7.68
C ILE E 83 -31.68 -1.48 8.55
N ALA E 84 -32.02 -0.64 9.52
CA ALA E 84 -30.99 -0.11 10.39
C ALA E 84 -30.32 -1.25 11.17
N ASN E 85 -31.11 -2.18 11.70
CA ASN E 85 -30.57 -3.33 12.44
C ASN E 85 -29.62 -4.12 11.57
N ALA E 86 -29.97 -4.26 10.29
CA ALA E 86 -29.15 -5.05 9.40
C ALA E 86 -27.86 -4.30 9.10
N LEU E 87 -27.92 -2.98 8.94
CA LEU E 87 -26.70 -2.20 8.67
C LEU E 87 -25.74 -2.32 9.84
N LEU E 88 -26.26 -2.15 11.04
CA LEU E 88 -25.42 -2.22 12.23
C LEU E 88 -24.86 -3.63 12.44
N ASN E 89 -25.66 -4.64 12.14
CA ASN E 89 -25.17 -6.02 12.30
C ASN E 89 -24.06 -6.32 11.32
N ARG E 90 -24.20 -5.85 10.08
CA ARG E 90 -23.15 -6.03 9.08
C ARG E 90 -21.89 -5.24 9.43
N LEU E 91 -22.07 -4.05 10.03
CA LEU E 91 -20.93 -3.24 10.40
C LEU E 91 -20.17 -3.98 11.45
N GLU E 92 -20.88 -4.43 12.48
CA GLU E 92 -20.23 -5.23 13.55
C GLU E 92 -19.45 -6.40 12.95
N LYS E 93 -20.03 -7.14 12.02
CA LYS E 93 -19.26 -8.27 11.40
C LYS E 93 -18.00 -7.82 10.71
N LYS E 94 -18.09 -6.74 9.94
CA LYS E 94 -16.87 -6.23 9.30
C LYS E 94 -15.83 -5.78 10.39
N LEU E 95 -16.31 -5.22 11.49
CA LEU E 95 -15.37 -4.79 12.53
C LEU E 95 -14.63 -6.01 13.15
N ILE E 96 -15.40 -7.01 13.54
CA ILE E 96 -14.86 -8.20 14.16
C ILE E 96 -13.90 -8.87 13.20
N ALA E 97 -14.22 -8.81 11.91
CA ALA E 97 -13.39 -9.48 10.92
C ALA E 97 -12.00 -8.87 10.86
N ARG E 98 -11.87 -7.60 11.20
CA ARG E 98 -10.55 -6.94 11.16
C ARG E 98 -9.93 -6.77 12.56
N GLY E 99 -10.50 -7.40 13.58
CA GLY E 99 -9.94 -7.34 14.91
C GLY E 99 -10.46 -6.26 15.83
N CYS E 100 -11.46 -5.50 15.42
CA CYS E 100 -12.00 -4.44 16.32
C CYS E 100 -12.67 -5.10 17.51
N PRO E 101 -12.22 -4.78 18.74
CA PRO E 101 -12.79 -5.44 19.90
C PRO E 101 -14.04 -4.81 20.51
N LYS E 102 -14.32 -3.59 20.13
CA LYS E 102 -15.46 -2.89 20.74
C LYS E 102 -15.93 -1.70 19.92
N ILE E 103 -17.27 -1.52 19.85
CA ILE E 103 -17.82 -0.39 19.15
C ILE E 103 -18.50 0.59 20.14
N GLN E 104 -18.32 1.89 19.90
CA GLN E 104 -18.91 2.98 20.75
C GLN E 104 -19.70 3.90 19.87
N ILE E 105 -20.87 4.33 20.35
CA ILE E 105 -21.71 5.25 19.64
C ILE E 105 -22.30 6.21 20.63
N ASN E 106 -22.28 7.49 20.27
CA ASN E 106 -22.85 8.56 21.06
C ASN E 106 -24.21 8.90 20.48
N VAL E 107 -25.24 8.88 21.32
CA VAL E 107 -26.57 9.17 20.87
C VAL E 107 -27.19 10.35 21.59
N PRO E 108 -28.00 11.14 20.89
CA PRO E 108 -28.60 12.31 21.56
C PRO E 108 -29.28 11.85 22.81
N GLU E 109 -29.16 12.62 23.88
CA GLU E 109 -29.70 12.16 25.13
C GLU E 109 -31.23 12.18 25.15
N ASP E 110 -31.86 12.92 24.23
CA ASP E 110 -33.33 13.02 24.20
C ASP E 110 -34.00 12.15 23.14
N ASN E 111 -33.30 11.16 22.61
CA ASN E 111 -33.89 10.32 21.59
C ASN E 111 -34.08 8.90 22.14
N ASP E 112 -35.25 8.66 22.72
CA ASP E 112 -35.51 7.38 23.35
C ASP E 112 -35.66 6.25 22.36
N MET E 113 -36.15 6.56 21.16
CA MET E 113 -36.30 5.51 20.15
C MET E 113 -34.94 4.96 19.73
N VAL E 114 -33.99 5.84 19.46
CA VAL E 114 -32.64 5.43 19.05
C VAL E 114 -31.92 4.73 20.18
N LEU E 115 -32.08 5.25 21.40
CA LEU E 115 -31.51 4.57 22.54
C LEU E 115 -31.92 3.14 22.67
N GLY E 116 -33.23 2.91 22.59
CA GLY E 116 -33.78 1.58 22.76
C GLY E 116 -33.32 0.63 21.69
N MET E 117 -33.17 1.15 20.48
CA MET E 117 -32.74 0.37 19.33
C MET E 117 -31.35 -0.24 19.57
N TYR E 118 -30.45 0.58 20.08
CA TYR E 118 -29.10 0.17 20.39
C TYR E 118 -29.10 -0.76 21.60
N GLU E 119 -29.92 -0.44 22.60
CA GLU E 119 -29.98 -1.27 23.79
C GLU E 119 -30.40 -2.67 23.44
N ARG E 120 -31.31 -2.77 22.50
CA ARG E 120 -31.81 -4.07 22.08
C ARG E 120 -30.81 -4.82 21.24
N LEU E 121 -29.82 -4.12 20.70
CA LEU E 121 -28.75 -4.76 19.93
C LEU E 121 -27.60 -5.11 20.84
N GLY E 122 -27.75 -4.88 22.14
CA GLY E 122 -26.71 -5.24 23.12
C GLY E 122 -25.81 -4.11 23.59
N TYR E 123 -26.10 -2.89 23.21
CA TYR E 123 -25.28 -1.74 23.62
C TYR E 123 -25.66 -1.27 25.02
N GLU E 124 -24.67 -0.81 25.76
CA GLU E 124 -24.88 -0.33 27.11
C GLU E 124 -24.32 1.03 27.38
N HIS E 125 -25.04 1.73 28.24
CA HIS E 125 -24.68 3.03 28.70
C HIS E 125 -23.30 2.98 29.38
N ALA E 126 -22.44 3.95 29.10
CA ALA E 126 -21.14 4.04 29.76
C ALA E 126 -21.22 5.28 30.68
N ASP E 127 -20.72 5.15 31.91
CA ASP E 127 -20.74 6.25 32.89
C ASP E 127 -19.53 7.15 32.66
N VAL E 128 -19.61 7.93 31.60
CA VAL E 128 -18.50 8.73 31.17
C VAL E 128 -19.00 10.10 30.66
N LEU E 129 -18.12 11.09 30.59
CA LEU E 129 -18.46 12.41 30.03
C LEU E 129 -17.83 12.50 28.63
N SER E 130 -18.65 12.79 27.63
CA SER E 130 -18.14 12.84 26.26
C SER E 130 -17.76 14.27 25.94
N LEU E 131 -16.48 14.46 25.63
CA LEU E 131 -15.93 15.78 25.35
C LEU E 131 -15.44 15.87 23.92
N GLY E 132 -15.56 17.04 23.32
CA GLY E 132 -15.09 17.24 21.97
C GLY E 132 -14.49 18.59 21.72
N LYS E 133 -13.62 18.60 20.72
CA LYS E 133 -12.95 19.79 20.26
C LYS E 133 -12.89 19.83 18.73
N ARG E 134 -13.42 20.89 18.15
CA ARG E 134 -13.40 21.08 16.70
C ARG E 134 -11.98 21.46 16.35
N LEU E 135 -11.46 20.81 15.32
CA LEU E 135 -10.10 21.05 14.85
C LEU E 135 -10.04 21.72 13.51
N ILE E 136 -11.00 21.43 12.64
CA ILE E 136 -11.06 22.09 11.36
C ILE E 136 -12.50 22.50 11.16
N GLU E 137 -12.79 23.79 11.03
CA GLU E 137 -14.19 24.23 10.84
C GLU E 137 -14.63 24.05 9.41
N ASP E 138 -15.86 23.59 9.26
CA ASP E 138 -16.51 23.45 7.96
C ASP E 138 -17.36 24.72 7.77
N GLU E 139 -17.65 25.08 6.52
CA GLU E 139 -18.47 26.24 6.22
C GLU E 139 -19.82 25.97 6.84
N GLU E 140 -20.21 26.84 7.78
CA GLU E 140 -21.47 26.71 8.49
C GLU E 140 -22.69 26.67 7.53
N TYR E 141 -23.60 25.75 7.82
CA TYR E 141 -24.82 25.53 7.02
C TYR E 141 -24.56 25.08 5.57
N ALA E 142 -23.33 24.65 5.28
CA ALA E 142 -23.00 24.21 3.91
C ALA E 142 -23.98 23.13 3.48
N GLY E 143 -24.37 22.28 4.42
CA GLY E 143 -25.31 21.21 4.11
C GLY E 143 -26.67 21.74 3.72
N GLU E 144 -27.30 22.47 4.66
CA GLU E 144 -28.63 23.06 4.41
C GLU E 144 -28.68 24.00 3.19
N ASN E 145 -27.54 24.60 2.84
CA ASN E 145 -27.43 25.57 1.73
C ASN E 145 -27.59 24.93 0.34
N MET F 1 13.09 16.77 25.96
CA MET F 1 11.83 15.99 25.94
C MET F 1 11.41 15.89 24.48
N GLU F 2 11.36 14.66 23.97
CA GLU F 2 10.99 14.41 22.59
C GLU F 2 9.68 13.62 22.50
N ILE F 3 8.79 14.03 21.64
CA ILE F 3 7.55 13.31 21.42
C ILE F 3 7.73 12.64 20.08
N ARG F 4 7.51 11.33 20.04
CA ARG F 4 7.66 10.56 18.82
C ARG F 4 6.65 9.44 18.79
N VAL F 5 6.63 8.75 17.66
CA VAL F 5 5.73 7.63 17.46
C VAL F 5 6.30 6.39 18.16
N PHE F 6 5.41 5.63 18.76
CA PHE F 6 5.72 4.40 19.42
C PHE F 6 6.40 3.47 18.46
N ARG F 7 7.27 2.62 18.96
CA ARG F 7 7.91 1.58 18.14
C ARG F 7 8.01 0.31 18.98
N GLN F 8 8.20 -0.86 18.36
CA GLN F 8 8.20 -2.11 19.10
C GLN F 8 9.03 -2.19 20.35
N GLU F 9 10.19 -1.55 20.31
CA GLU F 9 11.10 -1.53 21.46
C GLU F 9 10.51 -0.93 22.72
N ASP F 10 9.45 -0.14 22.55
CA ASP F 10 8.78 0.53 23.68
C ASP F 10 7.72 -0.32 24.36
N PHE F 11 7.41 -1.46 23.74
CA PHE F 11 6.31 -2.33 24.18
C PHE F 11 6.19 -2.57 25.68
N GLU F 12 7.14 -3.26 26.30
CA GLU F 12 7.08 -3.49 27.78
C GLU F 12 7.13 -2.21 28.64
N GLU F 13 7.97 -1.24 28.25
CA GLU F 13 8.08 0.06 28.98
C GLU F 13 6.74 0.73 29.06
N VAL F 14 6.07 0.79 27.90
CA VAL F 14 4.77 1.41 27.80
C VAL F 14 3.78 0.76 28.72
N ILE F 15 3.69 -0.56 28.65
CA ILE F 15 2.78 -1.28 29.50
C ILE F 15 3.11 -1.03 30.97
N THR F 16 4.40 -0.97 31.30
CA THR F 16 4.81 -0.71 32.68
C THR F 16 4.35 0.68 33.09
N LEU F 17 4.43 1.63 32.17
CA LEU F 17 3.98 2.98 32.46
C LEU F 17 2.47 2.98 32.67
N TRP F 18 1.73 2.25 31.84
CA TRP F 18 0.29 2.24 32.00
C TRP F 18 -0.12 1.68 33.34
N GLU F 19 0.64 0.69 33.81
CA GLU F 19 0.41 0.03 35.11
C GLU F 19 0.52 1.06 36.25
N ARG F 20 1.60 1.84 36.25
CA ARG F 20 1.81 2.89 37.24
C ARG F 20 0.82 4.06 37.11
N CYS F 21 0.22 4.25 35.93
CA CYS F 21 -0.74 5.35 35.73
C CYS F 21 -2.18 4.87 35.96
N ASP F 22 -2.32 3.61 36.41
CA ASP F 22 -3.63 3.07 36.73
C ASP F 22 -4.55 3.06 35.52
N LEU F 23 -3.95 2.98 34.34
CA LEU F 23 -4.72 2.97 33.12
C LEU F 23 -5.15 1.59 32.73
N LEU F 24 -4.57 0.55 33.32
CA LEU F 24 -4.98 -0.79 32.91
C LEU F 24 -6.34 -1.13 33.46
N ARG F 25 -7.18 -1.72 32.62
CA ARG F 25 -8.48 -2.20 33.03
C ARG F 25 -8.45 -3.70 32.72
N PRO F 26 -9.07 -4.53 33.58
CA PRO F 26 -9.11 -5.99 33.39
C PRO F 26 -9.68 -6.47 32.04
N TRP F 27 -10.68 -5.79 31.53
CA TRP F 27 -11.30 -6.17 30.23
C TRP F 27 -10.51 -5.77 29.00
N ASN F 28 -9.46 -4.97 29.22
CA ASN F 28 -8.58 -4.52 28.15
C ASN F 28 -7.17 -5.06 28.30
N ASP F 29 -6.83 -6.04 27.45
CA ASP F 29 -5.49 -6.65 27.50
C ASP F 29 -4.53 -5.66 26.88
N PRO F 30 -3.59 -5.09 27.67
CA PRO F 30 -2.73 -4.02 27.08
C PRO F 30 -1.85 -4.50 25.95
N GLU F 31 -1.45 -5.75 26.02
CA GLU F 31 -0.68 -6.35 24.93
C GLU F 31 -1.56 -6.38 23.65
N MET F 32 -2.84 -6.78 23.77
CA MET F 32 -3.74 -6.81 22.62
C MET F 32 -3.96 -5.43 22.06
N ASP F 33 -4.13 -4.45 22.95
CA ASP F 33 -4.41 -3.08 22.52
C ASP F 33 -3.25 -2.52 21.75
N ILE F 34 -2.04 -2.90 22.15
CA ILE F 34 -0.88 -2.44 21.44
C ILE F 34 -0.73 -3.08 20.09
N GLU F 35 -0.91 -4.41 20.03
CA GLU F 35 -0.83 -5.17 18.81
C GLU F 35 -1.91 -4.64 17.81
N ARG F 36 -3.12 -4.37 18.28
CA ARG F 36 -4.18 -3.85 17.44
C ARG F 36 -3.76 -2.56 16.82
N LYS F 37 -3.20 -1.66 17.64
CA LYS F 37 -2.78 -0.40 17.17
C LYS F 37 -1.64 -0.55 16.12
N MET F 38 -0.67 -1.42 16.42
CA MET F 38 0.44 -1.70 15.49
C MET F 38 -0.05 -2.21 14.17
N ASN F 39 -1.08 -3.03 14.19
CA ASN F 39 -1.56 -3.64 12.97
C ASN F 39 -2.40 -2.66 12.17
N HIS F 40 -3.07 -1.74 12.86
CA HIS F 40 -3.98 -0.81 12.22
C HIS F 40 -3.25 0.36 11.63
N ASP F 41 -2.58 1.10 12.48
CA ASP F 41 -1.86 2.29 12.06
C ASP F 41 -1.24 2.79 13.35
N VAL F 42 0.06 2.84 13.39
CA VAL F 42 0.73 3.19 14.62
C VAL F 42 1.01 4.68 14.72
N SER F 43 0.83 5.38 13.64
CA SER F 43 1.25 6.77 13.53
C SER F 43 0.71 7.79 14.48
N LEU F 44 -0.45 7.52 15.07
CA LEU F 44 -1.02 8.44 16.06
C LEU F 44 -0.78 8.00 17.51
N PHE F 45 -0.02 6.91 17.68
CA PHE F 45 0.32 6.34 19.00
C PHE F 45 1.65 6.94 19.30
N LEU F 46 1.62 7.91 20.22
CA LEU F 46 2.79 8.67 20.55
C LEU F 46 3.29 8.39 21.97
N VAL F 47 4.58 8.65 22.12
CA VAL F 47 5.21 8.53 23.42
C VAL F 47 6.07 9.77 23.65
N ALA F 48 6.24 10.10 24.93
CA ALA F 48 7.10 11.18 25.31
C ALA F 48 8.37 10.56 25.88
N GLU F 49 9.51 10.98 25.37
CA GLU F 49 10.78 10.49 25.86
C GLU F 49 11.58 11.58 26.57
N VAL F 50 12.08 11.27 27.75
CA VAL F 50 12.89 12.16 28.55
C VAL F 50 14.18 11.48 29.00
N ASN F 51 15.29 11.89 28.41
CA ASN F 51 16.61 11.37 28.77
C ASN F 51 16.65 9.86 28.58
N GLY F 52 16.27 9.41 27.38
CA GLY F 52 16.27 7.99 27.02
C GLY F 52 15.05 7.16 27.38
N ASP F 53 14.29 7.58 28.40
CA ASP F 53 13.11 6.85 28.85
C ASP F 53 11.76 7.40 28.42
N VAL F 54 10.84 6.49 28.13
CA VAL F 54 9.47 6.82 27.81
C VAL F 54 8.77 7.16 29.12
N VAL F 55 8.37 8.41 29.29
CA VAL F 55 7.68 8.82 30.51
C VAL F 55 6.23 9.26 30.28
N GLY F 56 5.76 9.16 29.02
CA GLY F 56 4.39 9.52 28.71
C GLY F 56 3.88 8.90 27.41
N THR F 57 2.55 8.81 27.31
CA THR F 57 1.93 8.30 26.09
C THR F 57 0.54 8.83 25.88
N VAL F 58 0.13 8.75 24.63
CA VAL F 58 -1.27 8.97 24.22
C VAL F 58 -1.52 8.02 23.03
N MET F 59 -2.56 7.20 23.13
CA MET F 59 -2.96 6.38 22.04
C MET F 59 -3.99 7.15 21.20
N GLY F 60 -3.50 7.91 20.23
CA GLY F 60 -4.37 8.68 19.35
C GLY F 60 -4.90 7.86 18.20
N GLY F 61 -5.98 8.36 17.61
CA GLY F 61 -6.55 7.66 16.47
C GLY F 61 -7.46 8.55 15.63
N TYR F 62 -7.74 8.04 14.45
CA TYR F 62 -8.63 8.73 13.51
C TYR F 62 -9.34 7.67 12.71
N ASP F 63 -10.68 7.79 12.60
CA ASP F 63 -11.47 6.81 11.83
C ASP F 63 -12.04 7.34 10.52
N GLY F 64 -11.64 8.50 10.07
CA GLY F 64 -12.19 9.02 8.81
C GLY F 64 -13.31 10.03 9.02
N HIS F 65 -13.64 10.28 10.28
CA HIS F 65 -14.64 11.27 10.66
C HIS F 65 -14.24 12.00 11.93
N ARG F 66 -13.81 11.23 12.93
CA ARG F 66 -13.43 11.82 14.24
C ARG F 66 -12.17 11.24 14.80
N GLY F 67 -11.46 12.09 15.51
CA GLY F 67 -10.23 11.71 16.14
C GLY F 67 -10.53 11.17 17.51
N SER F 68 -9.57 10.44 18.07
CA SER F 68 -9.76 9.83 19.39
C SER F 68 -8.47 9.82 20.15
N ALA F 69 -8.59 9.44 21.43
CA ALA F 69 -7.48 9.34 22.37
C ALA F 69 -7.81 8.45 23.54
N TYR F 70 -6.89 7.54 23.82
CA TYR F 70 -7.00 6.60 24.90
C TYR F 70 -5.60 6.54 25.48
N TYR F 71 -5.49 5.96 26.67
CA TYR F 71 -4.21 5.74 27.31
C TYR F 71 -3.35 6.96 27.41
N LEU F 72 -3.92 8.03 27.95
CA LEU F 72 -3.18 9.25 28.16
C LEU F 72 -2.60 9.05 29.53
N GLY F 73 -1.29 9.02 29.61
CA GLY F 73 -0.63 8.85 30.88
C GLY F 73 0.75 9.45 30.91
N VAL F 74 1.10 9.97 32.10
CA VAL F 74 2.42 10.55 32.32
C VAL F 74 2.94 9.98 33.65
N HIS F 75 4.17 9.50 33.65
CA HIS F 75 4.77 8.91 34.85
C HIS F 75 4.66 9.89 36.03
N PRO F 76 4.08 9.44 37.17
CA PRO F 76 3.84 10.28 38.37
C PRO F 76 5.00 11.22 38.70
N GLU F 77 6.21 10.71 38.61
CA GLU F 77 7.40 11.50 38.87
C GLU F 77 7.65 12.61 37.83
N PHE F 78 6.91 12.58 36.72
CA PHE F 78 7.07 13.55 35.62
C PHE F 78 5.81 14.41 35.36
N ARG F 79 4.88 14.33 36.28
CA ARG F 79 3.65 15.09 36.26
C ARG F 79 3.91 16.59 36.45
N GLY F 80 2.93 17.43 36.15
CA GLY F 80 3.02 18.89 36.39
C GLY F 80 4.12 19.55 35.60
N ARG F 81 4.54 18.89 34.53
CA ARG F 81 5.62 19.44 33.72
C ARG F 81 5.16 19.82 32.33
N GLY F 82 3.88 19.54 32.00
CA GLY F 82 3.38 19.89 30.68
C GLY F 82 3.46 18.81 29.61
N ILE F 83 3.89 17.62 30.00
CA ILE F 83 4.03 16.52 29.03
C ILE F 83 2.67 16.09 28.44
N ALA F 84 1.65 15.98 29.27
CA ALA F 84 0.32 15.62 28.79
C ALA F 84 -0.19 16.67 27.78
N ASN F 85 -0.08 17.97 28.10
CA ASN F 85 -0.47 19.01 27.16
C ASN F 85 0.23 18.89 25.83
N ALA F 86 1.54 18.67 25.86
CA ALA F 86 2.35 18.55 24.64
C ALA F 86 1.97 17.34 23.79
N LEU F 87 1.70 16.22 24.46
CA LEU F 87 1.22 15.02 23.77
C LEU F 87 -0.09 15.32 23.08
N LEU F 88 -0.99 15.94 23.83
CA LEU F 88 -2.30 16.32 23.28
C LEU F 88 -2.17 17.30 22.12
N ASN F 89 -1.36 18.34 22.29
N ASN F 89 -1.34 18.33 22.27
CA ASN F 89 -1.18 19.33 21.23
CA ASN F 89 -1.16 19.30 21.19
C ASN F 89 -0.51 18.72 19.99
C ASN F 89 -0.59 18.62 19.97
N ARG F 90 0.44 17.82 20.18
CA ARG F 90 1.07 17.12 19.04
C ARG F 90 0.03 16.23 18.35
N LEU F 91 -0.75 15.49 19.11
CA LEU F 91 -1.79 14.63 18.50
C LEU F 91 -2.74 15.50 17.70
N GLU F 92 -3.17 16.61 18.26
CA GLU F 92 -4.10 17.47 17.50
C GLU F 92 -3.54 17.95 16.19
N LYS F 93 -2.25 18.29 16.20
CA LYS F 93 -1.61 18.75 14.99
C LYS F 93 -1.51 17.62 14.00
N LYS F 94 -1.20 16.42 14.48
CA LYS F 94 -1.12 15.27 13.60
C LYS F 94 -2.46 15.03 12.98
N LEU F 95 -3.52 15.12 13.77
CA LEU F 95 -4.90 14.93 13.25
C LEU F 95 -5.24 15.96 12.17
N ILE F 96 -5.03 17.25 12.47
CA ILE F 96 -5.27 18.32 11.49
C ILE F 96 -4.51 18.08 10.17
N ALA F 97 -3.24 17.67 10.30
CA ALA F 97 -2.38 17.41 9.15
C ALA F 97 -2.98 16.39 8.21
N ARG F 98 -3.72 15.41 8.71
CA ARG F 98 -4.33 14.41 7.79
C ARG F 98 -5.83 14.72 7.53
N GLY F 99 -6.27 15.95 7.86
CA GLY F 99 -7.65 16.37 7.64
C GLY F 99 -8.70 16.05 8.67
N CYS F 100 -8.34 15.56 9.86
CA CYS F 100 -9.34 15.24 10.87
C CYS F 100 -9.98 16.52 11.44
N PRO F 101 -11.30 16.62 11.38
CA PRO F 101 -11.97 17.85 11.77
C PRO F 101 -12.34 18.07 13.21
N LYS F 102 -12.32 17.02 14.03
CA LYS F 102 -12.73 17.14 15.40
C LYS F 102 -12.27 15.91 16.18
N ILE F 103 -11.87 16.13 17.41
CA ILE F 103 -11.45 15.04 18.26
C ILE F 103 -12.47 14.84 19.36
N GLN F 104 -12.75 13.57 19.72
CA GLN F 104 -13.72 13.27 20.78
C GLN F 104 -13.04 12.39 21.83
N ILE F 105 -13.28 12.67 23.10
CA ILE F 105 -12.69 11.89 24.18
C ILE F 105 -13.68 11.76 25.29
N ASN F 106 -13.83 10.53 25.78
CA ASN F 106 -14.72 10.22 26.87
C ASN F 106 -13.88 10.22 28.13
N VAL F 107 -14.40 10.85 29.17
CA VAL F 107 -13.73 10.97 30.44
C VAL F 107 -14.59 10.37 31.56
N PRO F 108 -13.97 9.79 32.60
CA PRO F 108 -14.68 9.29 33.80
C PRO F 108 -15.54 10.41 34.41
N GLU F 109 -16.75 10.09 34.87
CA GLU F 109 -17.65 11.12 35.39
C GLU F 109 -17.42 11.64 36.82
N ASP F 110 -16.28 11.36 37.43
CA ASP F 110 -16.02 11.89 38.78
C ASP F 110 -14.58 12.38 38.94
N ASN F 111 -13.88 12.44 37.81
CA ASN F 111 -12.50 12.89 37.79
C ASN F 111 -12.42 14.31 37.24
N ASP F 112 -12.61 15.27 38.15
CA ASP F 112 -12.61 16.69 37.83
C ASP F 112 -11.26 17.28 37.43
N MET F 113 -10.12 16.68 37.81
CA MET F 113 -8.82 17.24 37.34
C MET F 113 -8.69 17.01 35.81
N VAL F 114 -9.03 15.82 35.36
CA VAL F 114 -8.94 15.49 33.94
C VAL F 114 -9.98 16.28 33.11
N LEU F 115 -11.18 16.40 33.63
CA LEU F 115 -12.22 17.18 32.97
C LEU F 115 -11.73 18.62 32.79
N GLY F 116 -11.13 19.14 33.86
CA GLY F 116 -10.64 20.50 33.87
C GLY F 116 -9.51 20.67 32.89
N MET F 117 -8.71 19.62 32.76
CA MET F 117 -7.56 19.67 31.87
C MET F 117 -8.05 19.84 30.43
N TYR F 118 -9.14 19.16 30.09
CA TYR F 118 -9.64 19.25 28.73
C TYR F 118 -10.40 20.52 28.46
N GLU F 119 -11.30 20.86 29.38
CA GLU F 119 -12.07 22.10 29.28
C GLU F 119 -11.18 23.26 28.92
N ARG F 120 -10.02 23.30 29.56
CA ARG F 120 -9.11 24.42 29.33
C ARG F 120 -8.37 24.38 28.03
N LEU F 121 -8.34 23.22 27.39
CA LEU F 121 -7.70 23.09 26.09
C LEU F 121 -8.76 23.29 25.01
N GLY F 122 -9.94 23.75 25.41
CA GLY F 122 -11.04 23.97 24.47
C GLY F 122 -12.01 22.84 24.18
N TYR F 123 -11.89 21.70 24.90
CA TYR F 123 -12.85 20.61 24.72
C TYR F 123 -14.16 21.02 25.37
N GLU F 124 -15.27 20.52 24.84
CA GLU F 124 -16.59 20.83 25.38
C GLU F 124 -17.47 19.61 25.53
N HIS F 125 -18.30 19.68 26.56
CA HIS F 125 -19.24 18.62 26.90
C HIS F 125 -20.31 18.47 25.83
N ALA F 126 -20.47 17.26 25.31
CA ALA F 126 -21.49 16.96 24.32
C ALA F 126 -22.74 16.46 25.07
N ASP F 127 -23.92 16.83 24.64
CA ASP F 127 -25.17 16.40 25.28
C ASP F 127 -25.61 15.08 24.75
N VAL F 128 -24.78 14.08 24.97
CA VAL F 128 -25.05 12.77 24.47
C VAL F 128 -24.91 11.72 25.53
N LEU F 129 -25.44 10.55 25.20
CA LEU F 129 -25.27 9.36 26.01
C LEU F 129 -24.27 8.56 25.22
N SER F 130 -23.28 8.04 25.92
CA SER F 130 -22.23 7.25 25.30
C SER F 130 -22.53 5.76 25.53
N LEU F 131 -22.66 5.02 24.42
CA LEU F 131 -23.01 3.58 24.40
C LEU F 131 -21.91 2.73 23.82
N GLY F 132 -21.78 1.50 24.34
CA GLY F 132 -20.75 0.59 23.89
C GLY F 132 -21.22 -0.86 23.89
N LYS F 133 -20.51 -1.69 23.17
CA LYS F 133 -20.81 -3.11 23.04
C LYS F 133 -19.53 -3.85 22.70
N ARG F 134 -19.15 -4.79 23.57
CA ARG F 134 -17.99 -5.62 23.33
C ARG F 134 -18.20 -6.49 22.12
N LEU F 135 -17.16 -6.64 21.29
CA LEU F 135 -17.25 -7.48 20.10
C LEU F 135 -16.33 -8.64 20.19
N ILE F 136 -15.18 -8.41 20.81
CA ILE F 136 -14.21 -9.44 21.01
C ILE F 136 -13.73 -9.30 22.44
N GLU F 137 -13.93 -10.34 23.24
CA GLU F 137 -13.51 -10.33 24.64
C GLU F 137 -12.00 -10.58 24.84
N ASP F 138 -11.34 -9.83 25.71
CA ASP F 138 -9.94 -10.11 26.00
C ASP F 138 -9.77 -11.03 27.20
N GLU F 139 -8.76 -11.88 27.15
CA GLU F 139 -8.49 -12.81 28.26
C GLU F 139 -7.78 -11.97 29.31
N GLU F 140 -8.01 -12.26 30.59
CA GLU F 140 -7.40 -11.46 31.65
C GLU F 140 -5.89 -11.49 31.71
N TYR F 141 -5.35 -10.35 32.09
CA TYR F 141 -3.92 -10.13 32.14
C TYR F 141 -3.35 -10.33 33.54
N MET G 1 -25.75 16.48 -13.70
CA MET G 1 -24.30 16.82 -13.86
C MET G 1 -23.55 16.20 -12.69
N GLU G 2 -22.60 15.32 -13.00
CA GLU G 2 -21.86 14.64 -11.94
C GLU G 2 -20.38 14.95 -12.05
N ILE G 3 -19.77 15.20 -10.91
CA ILE G 3 -18.34 15.44 -10.81
C ILE G 3 -17.81 14.12 -10.22
N ARG G 4 -16.82 13.53 -10.87
CA ARG G 4 -16.22 12.29 -10.38
C ARG G 4 -14.78 12.25 -10.80
N VAL G 5 -14.05 11.30 -10.26
CA VAL G 5 -12.65 11.13 -10.59
C VAL G 5 -12.49 10.58 -12.01
N PHE G 6 -11.42 10.99 -12.68
CA PHE G 6 -11.12 10.52 -14.02
C PHE G 6 -10.99 8.99 -14.06
N ARG G 7 -11.30 8.39 -15.21
CA ARG G 7 -11.12 6.96 -15.41
C ARG G 7 -10.41 6.73 -16.73
N GLN G 8 -9.77 5.58 -16.81
CA GLN G 8 -9.02 5.18 -18.01
C GLN G 8 -9.87 5.28 -19.27
N GLU G 9 -11.14 4.90 -19.16
CA GLU G 9 -12.09 4.93 -20.30
C GLU G 9 -12.29 6.31 -20.88
N ASP G 10 -12.00 7.35 -20.09
CA ASP G 10 -12.14 8.77 -20.45
C ASP G 10 -10.99 9.38 -21.26
N PHE G 11 -9.87 8.65 -21.28
CA PHE G 11 -8.61 9.08 -21.88
C PHE G 11 -8.72 9.91 -23.15
N GLU G 12 -9.27 9.34 -24.21
CA GLU G 12 -9.36 10.07 -25.48
C GLU G 12 -10.38 11.21 -25.43
N GLU G 13 -11.47 11.00 -24.73
CA GLU G 13 -12.49 12.03 -24.63
C GLU G 13 -11.93 13.28 -24.00
N VAL G 14 -11.16 13.08 -22.93
CA VAL G 14 -10.55 14.19 -22.21
C VAL G 14 -9.56 14.93 -23.07
N ILE G 15 -8.78 14.19 -23.85
CA ILE G 15 -7.79 14.84 -24.67
C ILE G 15 -8.50 15.70 -25.71
N THR G 16 -9.56 15.16 -26.28
CA THR G 16 -10.36 15.87 -27.25
C THR G 16 -10.94 17.17 -26.65
N LEU G 17 -11.40 17.08 -25.42
CA LEU G 17 -11.94 18.23 -24.71
C LEU G 17 -10.85 19.30 -24.57
N TRP G 18 -9.63 18.86 -24.22
CA TRP G 18 -8.51 19.79 -24.05
C TRP G 18 -8.17 20.56 -25.32
N GLU G 19 -8.25 19.89 -26.46
CA GLU G 19 -7.97 20.54 -27.75
C GLU G 19 -8.97 21.67 -27.96
N ARG G 20 -10.25 21.36 -27.75
CA ARG G 20 -11.35 22.34 -27.95
C ARG G 20 -11.22 23.53 -27.00
N CYS G 21 -10.77 23.25 -25.78
CA CYS G 21 -10.60 24.31 -24.80
C CYS G 21 -9.30 25.02 -24.98
N ASP G 22 -8.51 24.57 -25.95
CA ASP G 22 -7.22 25.17 -26.27
C ASP G 22 -6.23 25.03 -25.12
N LEU G 23 -6.35 23.94 -24.36
CA LEU G 23 -5.45 23.72 -23.22
C LEU G 23 -4.16 22.99 -23.55
N LEU G 24 -4.03 22.49 -24.78
CA LEU G 24 -2.80 21.80 -25.16
C LEU G 24 -1.66 22.70 -25.49
N ARG G 25 -0.50 22.41 -24.93
CA ARG G 25 0.69 23.15 -25.24
C ARG G 25 1.65 22.13 -25.78
N PRO G 26 2.34 22.46 -26.88
CA PRO G 26 3.27 21.58 -27.58
C PRO G 26 4.35 20.94 -26.69
N TRP G 27 4.78 21.64 -25.64
CA TRP G 27 5.84 21.12 -24.77
C TRP G 27 5.33 20.18 -23.68
N ASN G 28 4.01 20.02 -23.63
CA ASN G 28 3.37 19.14 -22.65
C ASN G 28 2.52 18.10 -23.41
N ASP G 29 3.00 16.87 -23.48
CA ASP G 29 2.24 15.81 -24.15
C ASP G 29 1.06 15.41 -23.24
N PRO G 30 -0.17 15.59 -23.72
CA PRO G 30 -1.37 15.34 -22.93
C PRO G 30 -1.47 13.90 -22.47
N GLU G 31 -1.09 12.98 -23.35
CA GLU G 31 -1.11 11.57 -23.03
C GLU G 31 -0.15 11.36 -21.89
N MET G 32 1.04 11.95 -22.00
CA MET G 32 2.00 11.80 -20.93
C MET G 32 1.47 12.40 -19.63
N ASP G 33 0.84 13.56 -19.72
CA ASP G 33 0.34 14.21 -18.51
C ASP G 33 -0.74 13.42 -17.84
N ILE G 34 -1.55 12.72 -18.63
CA ILE G 34 -2.58 11.88 -18.02
C ILE G 34 -1.91 10.67 -17.36
N GLU G 35 -0.92 10.06 -18.04
CA GLU G 35 -0.25 8.89 -17.49
C GLU G 35 0.46 9.19 -16.18
N ARG G 36 1.09 10.36 -16.11
CA ARG G 36 1.75 10.81 -14.89
C ARG G 36 0.73 10.86 -13.76
N LYS G 37 -0.44 11.46 -13.99
CA LYS G 37 -1.46 11.51 -12.92
C LYS G 37 -1.92 10.18 -12.46
N MET G 38 -2.12 9.29 -13.42
CA MET G 38 -2.58 7.92 -13.16
C MET G 38 -1.60 7.15 -12.32
N ASN G 39 -0.33 7.32 -12.64
CA ASN G 39 0.72 6.64 -11.93
C ASN G 39 0.92 7.25 -10.57
N HIS G 40 0.79 8.56 -10.48
CA HIS G 40 1.07 9.25 -9.25
C HIS G 40 -0.05 9.13 -8.24
N ASP G 41 -1.24 9.53 -8.65
CA ASP G 41 -2.43 9.55 -7.83
C ASP G 41 -3.49 10.24 -8.66
N VAL G 42 -4.56 9.53 -8.94
CA VAL G 42 -5.57 10.02 -9.83
C VAL G 42 -6.70 10.71 -9.06
N SER G 43 -6.71 10.55 -7.76
CA SER G 43 -7.86 10.99 -6.96
C SER G 43 -8.30 12.47 -7.05
N LEU G 44 -7.41 13.37 -7.48
CA LEU G 44 -7.72 14.81 -7.59
C LEU G 44 -7.87 15.21 -9.06
N PHE G 45 -7.85 14.21 -9.96
CA PHE G 45 -8.02 14.47 -11.37
C PHE G 45 -9.51 14.23 -11.60
N LEU G 46 -10.24 15.32 -11.79
CA LEU G 46 -11.68 15.28 -11.90
C LEU G 46 -12.26 15.62 -13.24
N VAL G 47 -13.44 15.07 -13.49
CA VAL G 47 -14.20 15.30 -14.70
C VAL G 47 -15.63 15.65 -14.35
N ALA G 48 -16.29 16.36 -15.26
CA ALA G 48 -17.70 16.71 -15.08
C ALA G 48 -18.42 16.01 -16.20
N GLU G 49 -19.41 15.18 -15.86
CA GLU G 49 -20.16 14.42 -16.85
C GLU G 49 -21.61 14.95 -16.97
N VAL G 50 -22.07 15.11 -18.22
CA VAL G 50 -23.42 15.57 -18.52
C VAL G 50 -24.04 14.65 -19.56
N ASN G 51 -25.19 14.06 -19.26
CA ASN G 51 -25.85 13.14 -20.18
C ASN G 51 -24.86 12.16 -20.78
N GLY G 52 -24.04 11.58 -19.90
CA GLY G 52 -23.05 10.58 -20.29
C GLY G 52 -21.74 11.08 -20.87
N ASP G 53 -21.62 12.39 -21.13
CA ASP G 53 -20.41 12.94 -21.77
C ASP G 53 -19.53 13.78 -20.86
N VAL G 54 -18.23 13.60 -21.00
CA VAL G 54 -17.32 14.39 -20.20
C VAL G 54 -17.26 15.74 -20.89
N VAL G 55 -17.70 16.77 -20.17
CA VAL G 55 -17.78 18.13 -20.68
C VAL G 55 -16.98 19.12 -19.86
N GLY G 56 -16.30 18.62 -18.85
CA GLY G 56 -15.45 19.46 -18.03
C GLY G 56 -14.38 18.67 -17.33
N THR G 57 -13.29 19.34 -16.96
CA THR G 57 -12.23 18.72 -16.21
C THR G 57 -11.38 19.70 -15.41
N VAL G 58 -10.83 19.18 -14.32
CA VAL G 58 -9.74 19.84 -13.64
C VAL G 58 -8.77 18.80 -13.09
N MET G 59 -7.47 19.02 -13.34
CA MET G 59 -6.43 18.17 -12.86
C MET G 59 -5.88 18.77 -11.60
N GLY G 60 -6.47 18.40 -10.48
CA GLY G 60 -6.02 18.85 -9.17
C GLY G 60 -4.84 18.03 -8.69
N GLY G 61 -4.23 18.52 -7.64
CA GLY G 61 -3.09 17.82 -7.10
C GLY G 61 -2.72 18.38 -5.76
N TYR G 62 -1.91 17.62 -5.05
CA TYR G 62 -1.43 18.01 -3.72
C TYR G 62 -0.07 17.37 -3.54
N ASP G 63 0.87 18.15 -3.03
CA ASP G 63 2.26 17.68 -2.83
C ASP G 63 2.67 17.53 -1.38
N GLY G 64 1.74 17.63 -0.45
CA GLY G 64 2.13 17.61 0.97
C GLY G 64 2.34 19.01 1.59
N HIS G 65 2.25 20.09 0.80
CA HIS G 65 2.38 21.46 1.36
C HIS G 65 1.33 22.38 0.73
N ARG G 66 1.18 22.30 -0.58
CA ARG G 66 0.21 23.06 -1.34
C ARG G 66 -0.57 22.24 -2.39
N GLY G 67 -1.81 22.62 -2.61
CA GLY G 67 -2.61 21.98 -3.64
C GLY G 67 -2.34 22.74 -4.93
N SER G 68 -2.75 22.15 -6.04
CA SER G 68 -2.55 22.74 -7.35
C SER G 68 -3.70 22.42 -8.30
N ALA G 69 -3.77 23.11 -9.44
CA ALA G 69 -4.78 22.86 -10.45
C ALA G 69 -4.26 23.24 -11.82
N TYR G 70 -4.50 22.34 -12.78
CA TYR G 70 -4.10 22.45 -14.16
C TYR G 70 -5.24 21.91 -15.01
N TYR G 71 -5.17 22.15 -16.31
CA TYR G 71 -6.16 21.68 -17.26
C TYR G 71 -7.61 21.90 -16.83
N LEU G 72 -7.94 23.11 -16.42
CA LEU G 72 -9.30 23.44 -16.06
C LEU G 72 -9.98 23.83 -17.36
N GLY G 73 -10.91 23.03 -17.83
CA GLY G 73 -11.59 23.36 -19.07
C GLY G 73 -13.03 22.88 -19.11
N VAL G 74 -13.89 23.63 -19.80
CA VAL G 74 -15.29 23.26 -19.94
C VAL G 74 -15.65 23.45 -21.40
N HIS G 75 -16.19 22.42 -22.01
CA HIS G 75 -16.57 22.47 -23.42
C HIS G 75 -17.33 23.78 -23.75
N PRO G 76 -17.03 24.41 -24.91
CA PRO G 76 -17.69 25.65 -25.32
C PRO G 76 -19.22 25.66 -25.18
N GLU G 77 -19.87 24.62 -25.67
CA GLU G 77 -21.32 24.50 -25.58
C GLU G 77 -21.89 24.28 -24.19
N PHE G 78 -21.04 24.03 -23.20
CA PHE G 78 -21.50 23.80 -21.83
C PHE G 78 -21.03 24.88 -20.89
N ARG G 79 -20.55 25.97 -21.45
CA ARG G 79 -20.08 27.07 -20.61
C ARG G 79 -21.16 27.97 -20.08
N GLY G 80 -20.79 28.69 -19.03
CA GLY G 80 -21.67 29.64 -18.37
C GLY G 80 -22.76 28.99 -17.56
N ARG G 81 -22.53 27.76 -17.14
CA ARG G 81 -23.52 27.03 -16.37
C ARG G 81 -22.98 26.71 -15.00
N GLY G 82 -21.82 27.26 -14.64
CA GLY G 82 -21.23 26.96 -13.31
C GLY G 82 -20.39 25.72 -13.14
N ILE G 83 -20.13 25.02 -14.23
CA ILE G 83 -19.38 23.81 -14.15
C ILE G 83 -17.96 24.00 -13.60
N ALA G 84 -17.25 25.00 -14.15
CA ALA G 84 -15.88 25.31 -13.69
C ALA G 84 -15.90 25.59 -12.21
N ASN G 85 -16.82 26.47 -11.78
CA ASN G 85 -16.98 26.76 -10.36
C ASN G 85 -17.20 25.48 -9.56
N ALA G 86 -18.08 24.59 -10.02
CA ALA G 86 -18.35 23.34 -9.28
C ALA G 86 -17.13 22.42 -9.29
N LEU G 87 -16.38 22.40 -10.37
CA LEU G 87 -15.17 21.61 -10.39
C LEU G 87 -14.17 22.10 -9.33
N LEU G 88 -13.91 23.40 -9.31
CA LEU G 88 -12.94 23.97 -8.38
C LEU G 88 -13.39 23.79 -6.97
N ASN G 89 -14.68 24.01 -6.73
CA ASN G 89 -15.24 23.87 -5.42
C ASN G 89 -15.12 22.44 -4.93
N ARG G 90 -15.39 21.47 -5.78
CA ARG G 90 -15.25 20.07 -5.34
C ARG G 90 -13.77 19.76 -5.07
N LEU G 91 -12.88 20.30 -5.89
CA LEU G 91 -11.47 20.06 -5.72
C LEU G 91 -11.05 20.61 -4.37
N GLU G 92 -11.47 21.83 -4.07
CA GLU G 92 -11.12 22.46 -2.80
C GLU G 92 -11.54 21.59 -1.66
N LYS G 93 -12.73 21.00 -1.76
CA LYS G 93 -13.19 20.16 -0.68
C LYS G 93 -12.37 18.91 -0.58
N LYS G 94 -12.00 18.32 -1.71
CA LYS G 94 -11.17 17.13 -1.67
C LYS G 94 -9.82 17.43 -1.04
N LEU G 95 -9.31 18.64 -1.27
CA LEU G 95 -8.04 19.01 -0.70
C LEU G 95 -8.14 19.14 0.80
N ILE G 96 -9.16 19.85 1.28
CA ILE G 96 -9.36 20.02 2.71
C ILE G 96 -9.54 18.67 3.41
N ALA G 97 -10.28 17.78 2.77
CA ALA G 97 -10.56 16.46 3.35
C ALA G 97 -9.26 15.69 3.68
N ARG G 98 -8.18 15.93 2.93
CA ARG G 98 -6.92 15.26 3.21
C ARG G 98 -5.88 16.14 3.86
N GLY G 99 -6.28 17.31 4.39
CA GLY G 99 -5.34 18.15 5.16
C GLY G 99 -4.56 19.22 4.42
N CYS G 100 -4.88 19.46 3.15
CA CYS G 100 -4.16 20.46 2.38
C CYS G 100 -4.59 21.84 2.84
N PRO G 101 -3.64 22.65 3.31
CA PRO G 101 -3.94 23.95 3.92
C PRO G 101 -4.15 25.11 2.96
N LYS G 102 -3.75 24.94 1.72
CA LYS G 102 -3.84 25.99 0.73
C LYS G 102 -3.62 25.50 -0.70
N ILE G 103 -4.30 26.14 -1.65
CA ILE G 103 -4.16 25.88 -3.07
C ILE G 103 -3.57 27.10 -3.80
N GLN G 104 -2.72 26.80 -4.76
CA GLN G 104 -2.07 27.80 -5.60
C GLN G 104 -2.35 27.46 -7.01
N ILE G 105 -2.62 28.50 -7.79
CA ILE G 105 -2.92 28.37 -9.21
C ILE G 105 -2.26 29.52 -9.97
N ASN G 106 -1.56 29.18 -11.03
CA ASN G 106 -0.88 30.15 -11.87
C ASN G 106 -1.75 30.44 -13.08
N VAL G 107 -1.90 31.69 -13.45
CA VAL G 107 -2.73 32.06 -14.62
C VAL G 107 -1.99 33.05 -15.49
N PRO G 108 -2.27 33.02 -16.80
CA PRO G 108 -1.70 34.01 -17.73
C PRO G 108 -1.89 35.42 -17.20
N GLU G 109 -0.85 36.22 -17.29
CA GLU G 109 -0.92 37.55 -16.75
C GLU G 109 -1.88 38.51 -17.52
N ASP G 110 -2.28 38.13 -18.73
CA ASP G 110 -3.16 38.94 -19.58
C ASP G 110 -4.61 38.44 -19.73
N ASN G 111 -5.01 37.46 -18.92
CA ASN G 111 -6.36 36.91 -19.04
C ASN G 111 -7.28 37.34 -17.88
N ASP G 112 -7.87 38.50 -18.02
CA ASP G 112 -8.72 39.08 -16.95
C ASP G 112 -9.96 38.28 -16.64
N MET G 113 -10.49 37.56 -17.62
CA MET G 113 -11.68 36.74 -17.40
C MET G 113 -11.30 35.63 -16.42
N VAL G 114 -10.16 35.02 -16.64
CA VAL G 114 -9.72 33.92 -15.80
C VAL G 114 -9.27 34.41 -14.44
N LEU G 115 -8.49 35.50 -14.38
CA LEU G 115 -8.08 36.04 -13.07
C LEU G 115 -9.30 36.36 -12.24
N GLY G 116 -10.24 37.03 -12.89
CA GLY G 116 -11.49 37.43 -12.23
C GLY G 116 -12.25 36.25 -11.68
N MET G 117 -12.40 35.21 -12.51
CA MET G 117 -13.08 33.96 -12.11
C MET G 117 -12.46 33.48 -10.78
N TYR G 118 -11.13 33.48 -10.69
CA TYR G 118 -10.49 33.02 -9.47
C TYR G 118 -10.58 33.99 -8.33
N GLU G 119 -10.30 35.26 -8.61
CA GLU G 119 -10.38 36.24 -7.54
C GLU G 119 -11.78 36.28 -6.92
N ARG G 120 -12.84 36.11 -7.70
CA ARG G 120 -14.19 36.13 -7.10
C ARG G 120 -14.45 34.90 -6.22
N LEU G 121 -13.63 33.87 -6.40
CA LEU G 121 -13.73 32.66 -5.57
C LEU G 121 -12.84 32.80 -4.34
N GLY G 122 -12.17 33.94 -4.19
CA GLY G 122 -11.31 34.15 -3.03
C GLY G 122 -9.82 33.90 -3.22
N TYR G 123 -9.38 33.76 -4.45
CA TYR G 123 -7.95 33.61 -4.71
C TYR G 123 -7.33 34.97 -4.72
N GLU G 124 -6.18 35.08 -4.10
CA GLU G 124 -5.50 36.35 -4.09
C GLU G 124 -4.11 36.23 -4.71
N HIS G 125 -3.76 37.25 -5.50
CA HIS G 125 -2.48 37.37 -6.20
C HIS G 125 -1.31 37.53 -5.26
N ALA G 126 -0.30 36.66 -5.39
CA ALA G 126 0.90 36.70 -4.54
C ALA G 126 2.00 37.59 -5.15
N ASP G 127 2.65 38.40 -4.31
CA ASP G 127 3.76 39.29 -4.72
C ASP G 127 5.00 38.44 -4.79
N VAL G 128 5.12 37.71 -5.86
CA VAL G 128 6.20 36.79 -5.97
C VAL G 128 6.56 36.60 -7.44
N LEU G 129 7.81 36.25 -7.72
CA LEU G 129 8.21 35.95 -9.10
C LEU G 129 8.09 34.45 -9.27
N SER G 130 7.40 33.99 -10.30
CA SER G 130 7.22 32.56 -10.44
C SER G 130 8.19 31.99 -11.49
N LEU G 131 9.00 31.03 -11.07
CA LEU G 131 10.02 30.43 -11.94
C LEU G 131 9.76 28.95 -12.26
N GLY G 132 10.41 28.45 -13.30
CA GLY G 132 10.23 27.06 -13.66
C GLY G 132 11.46 26.50 -14.34
N LYS G 133 11.58 25.16 -14.31
CA LYS G 133 12.68 24.48 -14.97
C LYS G 133 12.25 23.13 -15.52
N ARG G 134 12.42 22.96 -16.82
CA ARG G 134 12.06 21.72 -17.47
C ARG G 134 13.06 20.70 -17.00
N LEU G 135 12.57 19.51 -16.64
CA LEU G 135 13.45 18.41 -16.21
C LEU G 135 13.42 17.25 -17.17
N ILE G 136 12.24 16.94 -17.70
CA ILE G 136 12.13 15.87 -18.68
C ILE G 136 11.44 16.45 -19.87
N GLU G 137 11.96 16.16 -21.03
CA GLU G 137 11.45 16.68 -22.28
C GLU G 137 10.40 15.77 -22.90
N ASP G 138 9.21 16.32 -23.20
CA ASP G 138 8.18 15.56 -23.90
C ASP G 138 8.34 15.76 -25.40
N GLU G 139 8.07 14.71 -26.17
CA GLU G 139 8.16 14.83 -27.61
C GLU G 139 6.77 15.23 -28.05
N GLU G 140 6.68 15.96 -29.15
CA GLU G 140 5.40 16.52 -29.62
C GLU G 140 4.28 15.52 -29.88
N TYR G 141 3.06 15.96 -29.54
CA TYR G 141 1.86 15.15 -29.66
C TYR G 141 1.53 14.74 -31.11
N MET H 1 29.76 15.90 3.76
CA MET H 1 28.37 16.24 4.12
C MET H 1 27.45 15.32 3.33
N GLU H 2 26.32 15.01 3.92
CA GLU H 2 25.37 14.08 3.36
C GLU H 2 24.00 14.71 3.20
N ILE H 3 23.32 14.41 2.10
CA ILE H 3 21.97 14.88 1.87
C ILE H 3 21.14 13.64 2.02
N ARG H 4 20.11 13.69 2.86
CA ARG H 4 19.25 12.53 3.06
C ARG H 4 17.86 13.01 3.31
N VAL H 5 16.94 12.06 3.42
CA VAL H 5 15.56 12.38 3.67
C VAL H 5 15.38 12.76 5.12
N PHE H 6 14.40 13.59 5.35
CA PHE H 6 14.11 14.03 6.70
C PHE H 6 13.57 12.88 7.54
N ARG H 7 14.00 12.80 8.78
CA ARG H 7 13.40 11.86 9.71
C ARG H 7 12.89 12.61 10.94
N GLN H 8 12.00 11.93 11.64
CA GLN H 8 11.31 12.41 12.81
C GLN H 8 12.22 13.02 13.87
N GLU H 9 13.43 12.47 14.00
CA GLU H 9 14.39 12.93 15.00
C GLU H 9 14.95 14.31 14.66
N ASP H 10 14.71 14.80 13.43
CA ASP H 10 15.23 16.12 13.02
C ASP H 10 14.20 17.25 13.30
N PHE H 11 12.98 16.86 13.65
CA PHE H 11 11.86 17.79 13.87
C PHE H 11 12.27 19.12 14.51
N GLU H 12 12.67 19.06 15.76
CA GLU H 12 13.02 20.28 16.46
C GLU H 12 14.15 21.02 15.78
N GLU H 13 15.19 20.28 15.42
CA GLU H 13 16.34 20.86 14.77
C GLU H 13 15.94 21.56 13.48
N VAL H 14 15.02 20.97 12.74
CA VAL H 14 14.60 21.60 11.50
C VAL H 14 13.86 22.94 11.79
N ILE H 15 13.03 22.94 12.80
CA ILE H 15 12.30 24.17 13.13
C ILE H 15 13.26 25.27 13.61
N THR H 16 14.23 24.91 14.44
CA THR H 16 15.23 25.88 14.92
C THR H 16 16.02 26.41 13.71
N LEU H 17 16.32 25.54 12.75
CA LEU H 17 17.03 25.98 11.54
C LEU H 17 16.21 26.99 10.77
N TRP H 18 14.93 26.69 10.56
CA TRP H 18 14.09 27.59 9.81
C TRP H 18 13.99 28.98 10.48
N GLU H 19 14.08 29.02 11.81
CA GLU H 19 14.01 30.30 12.53
C GLU H 19 15.21 31.16 12.19
N ARG H 20 16.36 30.52 12.19
CA ARG H 20 17.61 31.20 11.87
C ARG H 20 17.74 31.57 10.40
N CYS H 21 16.86 31.04 9.58
CA CYS H 21 16.89 31.35 8.15
C CYS H 21 15.79 32.32 7.74
N ASP H 22 14.97 32.72 8.72
CA ASP H 22 13.90 33.67 8.49
C ASP H 22 12.78 33.07 7.63
N LEU H 23 12.70 31.76 7.61
CA LEU H 23 11.72 31.11 6.82
C LEU H 23 10.34 30.98 7.44
N LEU H 24 10.21 31.16 8.74
CA LEU H 24 8.90 30.99 9.34
C LEU H 24 7.99 32.17 9.04
N ARG H 25 6.72 31.89 8.81
CA ARG H 25 5.73 32.94 8.58
C ARG H 25 4.60 32.60 9.58
N PRO H 26 3.95 33.60 10.19
CA PRO H 26 2.91 33.29 11.17
C PRO H 26 1.73 32.46 10.69
N TRP H 27 1.40 32.57 9.41
CA TRP H 27 0.27 31.81 8.86
C TRP H 27 0.63 30.36 8.52
N ASN H 28 1.91 30.00 8.63
CA ASN H 28 2.33 28.62 8.40
C ASN H 28 2.90 28.04 9.68
N ASP H 29 2.15 27.16 10.36
CA ASP H 29 2.69 26.51 11.56
C ASP H 29 3.73 25.47 11.07
N PRO H 30 5.01 25.65 11.43
CA PRO H 30 6.05 24.72 10.96
C PRO H 30 5.85 23.27 11.39
N GLU H 31 5.34 23.07 12.59
CA GLU H 31 5.06 21.74 13.10
C GLU H 31 4.02 21.15 12.20
N MET H 32 3.00 21.94 11.90
CA MET H 32 1.95 21.48 10.96
C MET H 32 2.53 21.15 9.58
N ASP H 33 3.42 22.00 9.07
CA ASP H 33 3.99 21.80 7.76
C ASP H 33 4.84 20.53 7.71
N ILE H 34 5.55 20.23 8.79
CA ILE H 34 6.31 19.01 8.87
C ILE H 34 5.35 17.80 8.94
N GLU H 35 4.33 17.88 9.80
CA GLU H 35 3.38 16.78 9.93
C GLU H 35 2.66 16.46 8.64
N ARG H 36 2.36 17.49 7.86
CA ARG H 36 1.68 17.34 6.61
C ARG H 36 2.54 16.54 5.66
N LYS H 37 3.81 16.89 5.61
CA LYS H 37 4.77 16.27 4.75
C LYS H 37 5.01 14.82 5.17
N MET H 38 5.06 14.59 6.46
CA MET H 38 5.27 13.23 6.99
C MET H 38 4.12 12.37 6.62
N ASN H 39 2.91 12.89 6.78
CA ASN H 39 1.74 12.12 6.41
C ASN H 39 1.58 11.90 4.92
N HIS H 40 1.93 12.88 4.10
CA HIS H 40 1.70 12.80 2.67
C HIS H 40 2.72 11.96 1.95
N ASP H 41 4.00 12.29 2.12
CA ASP H 41 5.12 11.61 1.50
C ASP H 41 6.36 12.31 1.96
N VAL H 42 7.20 11.68 2.76
CA VAL H 42 8.40 12.38 3.24
C VAL H 42 9.55 12.39 2.30
N SER H 43 9.47 11.53 1.31
CA SER H 43 10.60 11.22 0.44
C SER H 43 11.29 12.38 -0.22
N LEU H 44 10.61 13.49 -0.49
CA LEU H 44 11.26 14.63 -1.14
C LEU H 44 11.65 15.79 -0.20
N PHE H 45 11.47 15.55 1.09
CA PHE H 45 11.81 16.49 2.14
C PHE H 45 13.21 16.09 2.57
N LEU H 46 14.16 16.92 2.20
CA LEU H 46 15.54 16.58 2.42
C LEU H 46 16.25 17.48 3.37
N VAL H 47 17.28 16.91 4.02
CA VAL H 47 18.13 17.65 4.93
C VAL H 47 19.56 17.45 4.51
N ALA H 48 20.39 18.44 4.82
CA ALA H 48 21.83 18.42 4.57
C ALA H 48 22.43 18.34 5.97
N GLU H 49 23.37 17.43 6.12
CA GLU H 49 23.96 17.17 7.41
C GLU H 49 25.45 17.25 7.31
N VAL H 50 26.07 18.11 8.11
CA VAL H 50 27.52 18.23 8.11
C VAL H 50 28.06 17.80 9.47
N ASN H 51 29.02 16.90 9.42
CA ASN H 51 29.62 16.40 10.64
C ASN H 51 28.56 16.20 11.72
N GLY H 52 27.42 15.63 11.33
CA GLY H 52 26.37 15.31 12.30
C GLY H 52 25.18 16.22 12.57
N ASP H 53 25.28 17.53 12.32
CA ASP H 53 24.13 18.41 12.58
C ASP H 53 23.44 18.77 11.27
N VAL H 54 22.12 18.88 11.32
CA VAL H 54 21.37 19.31 10.15
C VAL H 54 21.68 20.79 9.94
N VAL H 55 22.23 21.14 8.80
CA VAL H 55 22.57 22.54 8.59
C VAL H 55 21.90 23.10 7.36
N GLY H 56 21.05 22.28 6.75
CA GLY H 56 20.31 22.69 5.55
C GLY H 56 19.07 21.83 5.29
N THR H 57 18.10 22.41 4.58
CA THR H 57 16.86 21.72 4.24
C THR H 57 16.28 22.26 2.97
N VAL H 58 15.47 21.38 2.34
CA VAL H 58 14.63 21.73 1.20
C VAL H 58 13.43 20.82 1.32
N MET H 59 12.23 21.40 1.28
CA MET H 59 11.00 20.62 1.34
C MET H 59 10.52 20.54 -0.08
N GLY H 60 10.96 19.50 -0.77
CA GLY H 60 10.53 19.33 -2.15
C GLY H 60 9.22 18.57 -2.18
N GLY H 61 8.58 18.59 -3.33
CA GLY H 61 7.34 17.87 -3.50
C GLY H 61 7.04 17.61 -4.99
N TYR H 62 6.04 16.78 -5.23
CA TYR H 62 5.53 16.43 -6.53
C TYR H 62 4.04 16.09 -6.40
N ASP H 63 3.23 16.62 -7.32
CA ASP H 63 1.82 16.41 -7.27
C ASP H 63 1.26 15.58 -8.40
N GLY H 64 2.13 15.00 -9.21
CA GLY H 64 1.70 14.17 -10.35
C GLY H 64 1.76 14.96 -11.66
N HIS H 65 2.13 16.24 -11.56
CA HIS H 65 2.33 17.05 -12.76
C HIS H 65 3.52 18.00 -12.66
N ARG H 66 3.69 18.64 -11.52
CA ARG H 66 4.79 19.55 -11.38
C ARG H 66 5.43 19.35 -10.06
N GLY H 67 6.75 19.55 -10.03
CA GLY H 67 7.48 19.49 -8.76
C GLY H 67 7.51 20.84 -8.04
N SER H 68 7.87 20.85 -6.76
CA SER H 68 7.91 22.08 -6.01
C SER H 68 9.01 22.07 -4.97
N ALA H 69 9.21 23.22 -4.36
CA ALA H 69 10.16 23.34 -3.29
C ALA H 69 9.84 24.51 -2.38
N TYR H 70 9.88 24.24 -1.07
CA TYR H 70 9.64 25.25 -0.06
C TYR H 70 10.70 25.08 1.00
N TYR H 71 10.76 26.01 1.94
CA TYR H 71 11.70 25.87 3.05
C TYR H 71 13.13 25.49 2.71
N LEU H 72 13.70 26.21 1.75
CA LEU H 72 15.11 26.06 1.40
C LEU H 72 15.89 27.01 2.27
N GLY H 73 16.71 26.46 3.15
CA GLY H 73 17.51 27.26 4.03
C GLY H 73 18.79 26.56 4.43
N VAL H 74 19.86 27.33 4.50
CA VAL H 74 21.17 26.87 4.92
C VAL H 74 21.60 27.75 6.11
N HIS H 75 21.95 27.13 7.24
CA HIS H 75 22.38 27.85 8.45
C HIS H 75 23.44 28.90 8.07
N PRO H 76 23.40 30.08 8.74
CA PRO H 76 24.31 31.19 8.37
C PRO H 76 25.78 30.87 8.34
N GLU H 77 26.23 30.09 9.29
CA GLU H 77 27.63 29.75 9.39
C GLU H 77 28.05 28.83 8.27
N PHE H 78 27.05 28.27 7.59
CA PHE H 78 27.31 27.34 6.53
C PHE H 78 26.92 27.85 5.12
N ARG H 79 26.67 29.15 4.95
CA ARG H 79 26.38 29.63 3.58
C ARG H 79 27.66 29.68 2.73
N GLY H 80 27.48 29.81 1.41
CA GLY H 80 28.58 29.92 0.46
C GLY H 80 29.46 28.70 0.31
N ARG H 81 28.91 27.50 0.52
CA ARG H 81 29.71 26.29 0.43
C ARG H 81 29.06 25.32 -0.51
N GLY H 82 28.03 25.81 -1.21
CA GLY H 82 27.29 25.05 -2.20
C GLY H 82 26.22 24.12 -1.66
N ILE H 83 25.85 24.29 -0.40
CA ILE H 83 24.84 23.39 0.19
C ILE H 83 23.44 23.56 -0.46
N ALA H 84 23.05 24.81 -0.67
CA ALA H 84 21.76 25.08 -1.29
C ALA H 84 21.77 24.45 -2.68
N ASN H 85 22.86 24.63 -3.42
CA ASN H 85 22.94 24.06 -4.78
C ASN H 85 22.80 22.53 -4.78
N ALA H 86 23.46 21.88 -3.82
CA ALA H 86 23.42 20.42 -3.74
C ALA H 86 22.02 19.94 -3.34
N LEU H 87 21.34 20.67 -2.46
CA LEU H 87 20.01 20.27 -2.07
C LEU H 87 19.10 20.30 -3.29
N LEU H 88 19.15 21.42 -4.00
CA LEU H 88 18.36 21.61 -5.20
C LEU H 88 18.65 20.61 -6.30
N ASN H 89 19.94 20.35 -6.55
N ASN H 89 19.94 20.33 -6.57
CA ASN H 89 20.32 19.42 -7.61
CA ASN H 89 20.28 19.36 -7.62
C ASN H 89 19.97 17.96 -7.26
C ASN H 89 19.75 17.99 -7.23
N ARG H 90 19.95 17.61 -5.98
CA ARG H 90 19.51 16.28 -5.53
C ARG H 90 18.00 16.15 -5.70
N LEU H 91 17.26 17.19 -5.30
CA LEU H 91 15.79 17.20 -5.42
C LEU H 91 15.38 16.97 -6.83
N GLU H 92 16.01 17.70 -7.74
CA GLU H 92 15.75 17.59 -9.16
C GLU H 92 15.99 16.17 -9.63
N LYS H 93 17.06 15.54 -9.16
CA LYS H 93 17.31 14.15 -9.57
C LYS H 93 16.28 13.21 -8.98
N LYS H 94 15.84 13.46 -7.76
CA LYS H 94 14.81 12.60 -7.19
C LYS H 94 13.49 12.81 -7.97
N LEU H 95 13.22 14.05 -8.37
CA LEU H 95 12.03 14.35 -9.19
C LEU H 95 12.10 13.63 -10.52
N ILE H 96 13.22 13.76 -11.22
CA ILE H 96 13.35 13.09 -12.51
C ILE H 96 13.25 11.58 -12.36
N ALA H 97 13.75 11.07 -11.25
CA ALA H 97 13.72 9.62 -11.02
C ALA H 97 12.31 9.09 -10.98
N ARG H 98 11.37 9.85 -10.43
CA ARG H 98 9.97 9.39 -10.41
C ARG H 98 9.14 9.94 -11.55
N GLY H 99 9.77 10.51 -12.59
CA GLY H 99 9.03 10.99 -13.77
C GLY H 99 8.50 12.43 -13.81
N CYS H 100 8.81 13.20 -12.79
CA CYS H 100 8.37 14.63 -12.78
C CYS H 100 9.04 15.39 -13.88
N PRO H 101 8.25 16.02 -14.77
CA PRO H 101 8.78 16.70 -15.91
C PRO H 101 9.27 18.12 -15.74
N LYS H 102 8.93 18.74 -14.62
CA LYS H 102 9.26 20.13 -14.43
C LYS H 102 8.94 20.53 -13.00
N ILE H 103 9.76 21.45 -12.51
CA ILE H 103 9.62 21.98 -11.17
C ILE H 103 9.33 23.48 -11.28
N GLN H 104 8.55 23.96 -10.34
CA GLN H 104 8.16 25.35 -10.32
C GLN H 104 8.46 25.85 -8.94
N ILE H 105 8.86 27.10 -8.85
CA ILE H 105 9.18 27.70 -7.55
C ILE H 105 8.89 29.19 -7.63
N ASN H 106 8.17 29.68 -6.63
CA ASN H 106 7.86 31.08 -6.46
C ASN H 106 8.89 31.65 -5.50
N VAL H 107 9.41 32.79 -5.89
CA VAL H 107 10.47 33.47 -5.20
C VAL H 107 10.11 34.92 -4.91
N PRO H 108 10.61 35.48 -3.80
CA PRO H 108 10.31 36.87 -3.45
C PRO H 108 10.78 37.80 -4.54
N GLU H 109 10.03 38.86 -4.82
CA GLU H 109 10.43 39.76 -5.91
C GLU H 109 11.49 40.77 -5.51
N ASP H 110 11.87 40.78 -4.25
CA ASP H 110 12.90 41.71 -3.83
C ASP H 110 14.07 41.01 -3.14
N ASN H 111 14.62 40.02 -3.83
CA ASN H 111 15.78 39.29 -3.36
C ASN H 111 16.55 38.77 -4.60
N ASP H 112 17.57 39.49 -5.00
CA ASP H 112 18.29 39.07 -6.19
C ASP H 112 19.34 38.01 -5.99
N MET H 113 19.80 37.78 -4.76
CA MET H 113 20.78 36.72 -4.68
C MET H 113 19.98 35.44 -4.90
N VAL H 114 18.82 35.30 -4.23
CA VAL H 114 17.98 34.09 -4.39
C VAL H 114 17.53 33.92 -5.85
N LEU H 115 17.06 35.00 -6.47
CA LEU H 115 16.67 34.98 -7.87
C LEU H 115 17.86 34.53 -8.73
N GLY H 116 19.00 35.16 -8.48
CA GLY H 116 20.20 34.86 -9.22
C GLY H 116 20.56 33.40 -9.15
N MET H 117 20.49 32.83 -7.95
CA MET H 117 20.83 31.42 -7.72
C MET H 117 20.05 30.48 -8.68
N TYR H 118 18.73 30.68 -8.71
CA TYR H 118 17.88 29.88 -9.57
C TYR H 118 18.13 30.19 -11.05
N GLU H 119 18.33 31.44 -11.39
CA GLU H 119 18.58 31.75 -12.76
C GLU H 119 19.80 30.97 -13.26
N ARG H 120 20.83 30.90 -12.43
CA ARG H 120 22.08 30.23 -12.84
C ARG H 120 21.87 28.72 -12.89
N LEU H 121 20.93 28.20 -12.13
CA LEU H 121 20.62 26.76 -12.18
C LEU H 121 19.67 26.39 -13.36
N GLY H 122 19.36 27.34 -14.22
CA GLY H 122 18.51 27.04 -15.38
C GLY H 122 17.05 27.34 -15.16
N TYR H 123 16.68 27.98 -14.05
CA TYR H 123 15.29 28.34 -13.86
C TYR H 123 14.95 29.55 -14.72
N GLU H 124 13.73 29.58 -15.24
CA GLU H 124 13.27 30.59 -16.18
C GLU H 124 12.02 31.23 -15.64
N HIS H 125 11.79 32.50 -15.96
CA HIS H 125 10.59 33.19 -15.48
C HIS H 125 9.32 32.80 -16.22
N ALA H 126 8.23 32.64 -15.51
CA ALA H 126 6.96 32.42 -16.18
C ALA H 126 6.10 33.70 -16.19
N ASP H 127 5.47 33.99 -17.33
CA ASP H 127 4.63 35.16 -17.53
C ASP H 127 3.26 34.92 -16.94
N VAL H 128 3.22 34.63 -15.64
CA VAL H 128 1.94 34.32 -15.03
C VAL H 128 1.74 34.99 -13.69
N LEU H 129 0.52 34.95 -13.19
CA LEU H 129 0.29 35.47 -11.86
C LEU H 129 0.00 34.28 -10.96
N SER H 130 0.59 34.26 -9.78
CA SER H 130 0.33 33.18 -8.84
C SER H 130 -0.82 33.60 -7.93
N LEU H 131 -1.89 32.80 -7.92
CA LEU H 131 -3.04 33.08 -7.08
C LEU H 131 -3.09 32.03 -6.00
N GLY H 132 -3.41 32.42 -4.79
CA GLY H 132 -3.49 31.44 -3.72
C GLY H 132 -4.75 31.61 -2.90
N LYS H 133 -5.22 30.50 -2.35
CA LYS H 133 -6.38 30.50 -1.50
C LYS H 133 -6.17 29.62 -0.28
N ARG H 134 -6.25 30.24 0.90
CA ARG H 134 -6.19 29.48 2.17
C ARG H 134 -7.39 28.61 2.32
N LEU H 135 -7.12 27.35 2.66
CA LEU H 135 -8.16 26.37 2.81
C LEU H 135 -8.28 25.88 4.24
N ILE H 136 -7.16 25.85 4.98
CA ILE H 136 -7.18 25.45 6.36
C ILE H 136 -6.30 26.44 7.07
N GLU H 137 -6.84 27.06 8.08
CA GLU H 137 -6.09 28.08 8.75
C GLU H 137 -5.16 27.55 9.85
N ASP H 138 -3.90 28.02 9.86
CA ASP H 138 -2.94 27.73 10.92
C ASP H 138 -2.97 28.98 11.83
#